data_4ZYR
#
_entry.id   4ZYR
#
_cell.length_a   103.150
_cell.length_b   121.990
_cell.length_c   266.090
_cell.angle_alpha   90.000
_cell.angle_beta   90.000
_cell.angle_gamma   90.000
#
_symmetry.space_group_name_H-M   'C 2 2 21'
#
loop_
_entity.id
_entity.type
_entity.pdbx_description
1 polymer 'Lactose permease'
2 non-polymer '4-nitrophenyl alpha-D-galactopyranoside'
3 non-polymer 'nonyl beta-D-glucopyranoside'
#
_entity_poly.entity_id   1
_entity_poly.type   'polypeptide(L)'
_entity_poly.pdbx_seq_one_letter_code
;MYYLKNTNFWMFGLFFFFYFFIMGAYFPFFPIWLHDINHISKSDTWIIFAAISLFSLLFQPLFGLLSDKLGLRKYLLWII
TGMLVMFAPFFIFIFGPLLQYNILVGSIVGGIYLGFCFNAGAPAVEAFIEKVSRRSNFEFGRARMFGCVGWALCASIVGI
MFTINNQFVFWLGSGCALILAVLLFFAKTDAPSSATVANAVGANHSAFSLKLALELFRQPKLWFLSLYVIGVSCTYDVFD
QQFANFFTSFFATGEQGTRVFWYVTTMGELLNASIMFFAPLIINRIGGKNALLLAGTIMSVRIIGSSFATSALEVVILKT
LHMFEVPFLLVGCFKYITSQFEVRFSATIYLVCFCFFKQLAMIFMSVLAGNMYESIGFQGAYLVLGLVALGFTLISVFTL
SGPGPLSLLRRQVNEVA
;
_entity_poly.pdbx_strand_id   A,B
#
loop_
_chem_comp.id
_chem_comp.type
_chem_comp.name
_chem_comp.formula
9PG D-saccharide '4-nitrophenyl alpha-D-galactopyranoside' 'C12 H15 N O8'
BNG D-saccharide 'nonyl beta-D-glucopyranoside' 'C15 H30 O6'
#
# COMPACT_ATOMS: atom_id res chain seq x y z
N ASN A 6 9.53 -27.42 12.80
CA ASN A 6 8.54 -27.81 11.80
C ASN A 6 8.26 -26.66 10.84
N THR A 7 8.18 -26.96 9.55
CA THR A 7 8.21 -25.94 8.51
C THR A 7 6.97 -25.04 8.51
N ASN A 8 5.81 -25.64 8.35
CA ASN A 8 4.55 -24.89 8.29
C ASN A 8 4.13 -24.25 9.61
N PHE A 9 4.30 -24.98 10.71
CA PHE A 9 3.88 -24.49 12.02
C PHE A 9 4.44 -23.12 12.35
N TRP A 10 5.75 -22.95 12.20
CA TRP A 10 6.39 -21.72 12.62
C TRP A 10 6.12 -20.56 11.65
N MET A 11 5.97 -20.87 10.36
CA MET A 11 5.67 -19.84 9.38
C MET A 11 4.23 -19.32 9.49
N PHE A 12 3.27 -20.23 9.46
CA PHE A 12 1.87 -19.84 9.58
C PHE A 12 1.48 -19.50 11.01
N GLY A 13 2.32 -19.86 11.96
CA GLY A 13 2.09 -19.47 13.34
C GLY A 13 2.47 -18.01 13.51
N LEU A 14 3.56 -17.61 12.86
CA LEU A 14 3.99 -16.22 12.86
C LEU A 14 3.11 -15.41 11.92
N PHE A 15 2.48 -16.08 10.96
CA PHE A 15 1.55 -15.44 10.05
C PHE A 15 0.36 -14.87 10.82
N PHE A 16 -0.21 -15.69 11.71
CA PHE A 16 -1.27 -15.21 12.59
C PHE A 16 -0.78 -14.05 13.45
N PHE A 17 0.46 -14.15 13.94
CA PHE A 17 1.03 -13.12 14.80
C PHE A 17 1.03 -11.73 14.17
N PHE A 18 1.42 -11.67 12.90
CA PHE A 18 1.55 -10.38 12.22
C PHE A 18 0.24 -9.98 11.55
N TYR A 19 -0.59 -10.96 11.22
CA TYR A 19 -1.90 -10.66 10.65
C TYR A 19 -2.81 -9.97 11.65
N PHE A 20 -2.91 -10.53 12.85
CA PHE A 20 -3.81 -10.01 13.87
C PHE A 20 -3.22 -8.80 14.58
N PHE A 21 -1.91 -8.65 14.48
CA PHE A 21 -1.25 -7.42 14.90
C PHE A 21 -1.82 -6.29 14.08
N ILE A 22 -2.01 -6.54 12.79
CA ILE A 22 -2.53 -5.52 11.89
C ILE A 22 -4.03 -5.35 12.04
N MET A 23 -4.72 -6.39 12.50
CA MET A 23 -6.14 -6.26 12.82
C MET A 23 -6.32 -5.68 14.21
N GLY A 24 -5.29 -5.79 15.03
CA GLY A 24 -5.34 -5.32 16.40
C GLY A 24 -5.12 -3.82 16.53
N ALA A 25 -4.62 -3.21 15.46
CA ALA A 25 -4.51 -1.76 15.42
C ALA A 25 -5.84 -1.11 15.04
N TYR A 26 -6.53 -1.71 14.07
CA TYR A 26 -7.73 -1.13 13.47
C TYR A 26 -9.00 -1.42 14.29
N PHE A 27 -9.11 -2.63 14.79
CA PHE A 27 -10.40 -3.19 15.19
C PHE A 27 -10.79 -2.95 16.66
N PRO A 28 -9.95 -3.36 17.62
CA PRO A 28 -10.41 -3.41 19.01
C PRO A 28 -10.58 -2.03 19.64
N PHE A 29 -10.19 -0.98 18.92
CA PHE A 29 -10.34 0.40 19.38
C PHE A 29 -11.02 1.23 18.31
N PHE A 30 -11.67 0.56 17.36
CA PHE A 30 -12.22 1.20 16.16
C PHE A 30 -13.22 2.33 16.42
N PRO A 31 -14.20 2.13 17.32
CA PRO A 31 -15.22 3.18 17.54
C PRO A 31 -14.63 4.45 18.14
N ILE A 32 -13.60 4.29 18.96
CA ILE A 32 -12.89 5.42 19.55
C ILE A 32 -12.22 6.28 18.48
N TRP A 33 -11.66 5.61 17.48
CA TRP A 33 -10.94 6.28 16.39
C TRP A 33 -11.88 7.24 15.68
N LEU A 34 -13.09 6.76 15.38
CA LEU A 34 -14.13 7.57 14.77
C LEU A 34 -14.64 8.62 15.77
N HIS A 35 -14.73 8.23 17.04
CA HIS A 35 -15.31 9.09 18.07
C HIS A 35 -14.42 10.31 18.32
N ASP A 36 -13.17 10.04 18.71
CA ASP A 36 -12.24 11.09 19.12
C ASP A 36 -11.38 11.65 18.00
N ILE A 37 -10.67 10.77 17.29
CA ILE A 37 -9.60 11.19 16.38
C ILE A 37 -10.09 11.63 15.01
N ASN A 38 -11.37 11.40 14.72
CA ASN A 38 -11.94 11.90 13.48
C ASN A 38 -13.25 12.63 13.72
N HIS A 39 -13.67 12.69 14.99
CA HIS A 39 -14.80 13.52 15.38
C HIS A 39 -16.05 13.17 14.59
N ILE A 40 -16.42 11.90 14.62
CA ILE A 40 -17.59 11.41 13.91
C ILE A 40 -18.68 11.05 14.91
N SER A 41 -19.85 11.65 14.74
CA SER A 41 -20.96 11.45 15.66
C SER A 41 -21.49 10.02 15.63
N LYS A 42 -22.04 9.55 16.74
CA LYS A 42 -22.47 8.17 16.83
C LYS A 42 -23.88 8.00 16.25
N SER A 43 -24.35 9.04 15.56
CA SER A 43 -25.51 8.93 14.72
C SER A 43 -25.04 8.79 13.27
N ASP A 44 -23.75 8.52 13.10
CA ASP A 44 -23.17 8.41 11.78
C ASP A 44 -22.24 7.19 11.67
N THR A 45 -21.78 6.71 12.82
CA THR A 45 -20.97 5.50 12.87
C THR A 45 -21.81 4.24 12.74
N TRP A 46 -23.12 4.37 12.91
CA TRP A 46 -24.02 3.22 12.77
C TRP A 46 -24.30 2.94 11.28
N ILE A 47 -23.94 3.89 10.42
CA ILE A 47 -24.03 3.73 8.97
C ILE A 47 -22.70 3.26 8.36
N ILE A 48 -21.57 3.60 8.99
CA ILE A 48 -20.26 3.12 8.54
C ILE A 48 -20.13 1.62 8.71
N PHE A 49 -20.55 1.13 9.87
CA PHE A 49 -20.49 -0.29 10.19
C PHE A 49 -21.47 -1.05 9.28
N ALA A 50 -22.46 -0.33 8.76
CA ALA A 50 -23.49 -0.94 7.93
C ALA A 50 -22.97 -1.17 6.52
N ALA A 51 -21.81 -0.60 6.21
CA ALA A 51 -21.23 -0.73 4.87
C ALA A 51 -19.97 -1.56 4.94
N ILE A 52 -19.30 -1.53 6.09
CA ILE A 52 -18.20 -2.45 6.38
C ILE A 52 -18.76 -3.86 6.53
N SER A 53 -20.05 -3.95 6.80
CA SER A 53 -20.71 -5.25 6.96
C SER A 53 -21.60 -5.55 5.76
N LEU A 54 -21.45 -4.75 4.71
CA LEU A 54 -22.22 -4.95 3.50
C LEU A 54 -21.33 -5.51 2.41
N PHE A 55 -20.07 -5.07 2.42
CA PHE A 55 -19.09 -5.59 1.49
C PHE A 55 -18.56 -6.89 2.06
N SER A 56 -18.84 -7.11 3.33
CA SER A 56 -18.46 -8.32 4.02
C SER A 56 -19.38 -9.48 3.63
N LEU A 57 -20.54 -9.15 3.06
CA LEU A 57 -21.56 -10.16 2.77
C LEU A 57 -21.43 -10.70 1.35
N LEU A 58 -20.75 -9.94 0.49
CA LEU A 58 -20.49 -10.38 -0.87
C LEU A 58 -19.08 -10.97 -0.97
N PHE A 59 -18.31 -10.82 0.10
CA PHE A 59 -16.94 -11.34 0.10
C PHE A 59 -16.85 -12.66 0.86
N GLN A 60 -17.59 -12.78 1.95
CA GLN A 60 -17.43 -13.95 2.84
C GLN A 60 -17.79 -15.28 2.18
N PRO A 61 -18.94 -15.35 1.49
CA PRO A 61 -19.24 -16.59 0.78
C PRO A 61 -18.32 -16.74 -0.42
N LEU A 62 -18.08 -15.62 -1.09
CA LEU A 62 -17.23 -15.58 -2.27
C LEU A 62 -15.82 -16.03 -1.92
N PHE A 63 -15.37 -15.75 -0.70
CA PHE A 63 -14.05 -16.16 -0.26
C PHE A 63 -14.04 -17.63 0.12
N GLY A 64 -15.22 -18.16 0.44
CA GLY A 64 -15.32 -19.54 0.87
C GLY A 64 -15.15 -20.48 -0.30
N LEU A 65 -15.81 -20.18 -1.41
CA LEU A 65 -15.73 -21.04 -2.59
C LEU A 65 -14.33 -21.02 -3.19
N LEU A 66 -13.73 -19.83 -3.29
CA LEU A 66 -12.36 -19.70 -3.77
C LEU A 66 -11.34 -20.38 -2.86
N SER A 67 -11.58 -20.32 -1.57
CA SER A 67 -10.59 -20.80 -0.61
C SER A 67 -10.59 -22.32 -0.63
N ASP A 68 -11.65 -22.90 -1.20
CA ASP A 68 -11.70 -24.34 -1.46
C ASP A 68 -11.23 -24.69 -2.86
N LYS A 69 -11.66 -23.93 -3.86
CA LYS A 69 -11.29 -24.21 -5.24
C LYS A 69 -9.78 -24.10 -5.43
N LEU A 70 -9.17 -23.13 -4.77
CA LEU A 70 -7.73 -23.00 -4.76
C LEU A 70 -7.08 -24.10 -3.92
N GLY A 71 -7.84 -24.62 -2.97
CA GLY A 71 -7.30 -25.64 -2.09
C GLY A 71 -6.14 -25.07 -1.30
N LEU A 72 -4.96 -25.64 -1.52
CA LEU A 72 -3.77 -25.24 -0.81
C LEU A 72 -2.92 -24.28 -1.62
N ARG A 73 -3.48 -23.83 -2.75
CA ARG A 73 -2.83 -22.78 -3.54
C ARG A 73 -2.95 -21.45 -2.80
N LYS A 74 -1.86 -20.68 -2.83
CA LYS A 74 -1.75 -19.51 -1.97
C LYS A 74 -2.17 -18.21 -2.63
N TYR A 75 -2.86 -18.28 -3.76
CA TYR A 75 -3.10 -17.05 -4.53
C TYR A 75 -3.99 -16.11 -3.73
N LEU A 76 -5.08 -16.65 -3.17
CA LEU A 76 -6.08 -15.83 -2.48
C LEU A 76 -5.48 -15.16 -1.24
N LEU A 77 -4.49 -15.82 -0.65
CA LEU A 77 -3.83 -15.27 0.53
C LEU A 77 -2.75 -14.29 0.11
N TRP A 78 -2.33 -14.37 -1.14
CA TRP A 78 -1.40 -13.40 -1.71
C TRP A 78 -2.08 -12.06 -1.95
N ILE A 79 -3.33 -12.12 -2.40
CA ILE A 79 -4.12 -10.92 -2.62
C ILE A 79 -4.29 -10.15 -1.31
N ILE A 80 -4.67 -10.89 -0.26
CA ILE A 80 -4.87 -10.30 1.04
C ILE A 80 -3.61 -9.67 1.57
N THR A 81 -2.49 -10.39 1.48
CA THR A 81 -1.21 -9.86 1.93
C THR A 81 -0.79 -8.71 1.04
N GLY A 82 -1.33 -8.69 -0.17
CA GLY A 82 -1.05 -7.60 -1.09
C GLY A 82 -1.81 -6.35 -0.70
N MET A 83 -3.08 -6.53 -0.35
CA MET A 83 -3.93 -5.40 -0.01
C MET A 83 -3.57 -4.85 1.36
N LEU A 84 -3.00 -5.70 2.21
CA LEU A 84 -2.68 -5.28 3.57
C LEU A 84 -1.48 -4.35 3.59
N VAL A 85 -0.73 -4.33 2.49
CA VAL A 85 0.40 -3.43 2.42
C VAL A 85 -0.11 -1.99 2.35
N MET A 86 -1.31 -1.81 1.80
CA MET A 86 -1.93 -0.50 1.66
C MET A 86 -2.54 -0.02 2.97
N PHE A 87 -2.20 -0.70 4.07
CA PHE A 87 -2.81 -0.43 5.37
C PHE A 87 -2.52 0.96 5.90
N ALA A 88 -1.26 1.36 5.83
CA ALA A 88 -0.85 2.65 6.38
C ALA A 88 -1.51 3.80 5.64
N PRO A 89 -1.35 3.84 4.30
CA PRO A 89 -1.88 4.97 3.53
C PRO A 89 -3.39 4.89 3.37
N PHE A 90 -3.98 3.80 3.84
CA PHE A 90 -5.43 3.69 3.87
C PHE A 90 -6.03 4.56 4.96
N PHE A 91 -5.63 4.31 6.20
CA PHE A 91 -6.17 5.04 7.34
C PHE A 91 -5.66 6.48 7.39
N ILE A 92 -4.39 6.69 7.06
CA ILE A 92 -3.77 7.99 7.22
C ILE A 92 -4.11 9.01 6.12
N PHE A 93 -4.18 8.57 4.87
CA PHE A 93 -4.30 9.49 3.76
C PHE A 93 -5.54 9.29 2.91
N ILE A 94 -6.21 8.16 3.06
CA ILE A 94 -7.36 7.87 2.21
C ILE A 94 -8.66 7.89 2.99
N PHE A 95 -8.83 6.88 3.83
CA PHE A 95 -10.04 6.69 4.63
C PHE A 95 -10.26 7.86 5.56
N GLY A 96 -9.22 8.25 6.27
CA GLY A 96 -9.30 9.36 7.21
C GLY A 96 -9.94 10.62 6.68
N PRO A 97 -9.27 11.30 5.74
CA PRO A 97 -9.78 12.59 5.28
C PRO A 97 -11.00 12.48 4.38
N LEU A 98 -11.23 11.31 3.81
CA LEU A 98 -12.33 11.15 2.85
C LEU A 98 -13.70 11.07 3.51
N LEU A 99 -13.77 10.44 4.69
CA LEU A 99 -15.05 10.31 5.36
C LEU A 99 -15.54 11.65 5.91
N GLN A 100 -14.65 12.42 6.52
CA GLN A 100 -15.09 13.69 7.06
C GLN A 100 -15.36 14.75 5.99
N TYR A 101 -14.35 15.12 5.21
CA TYR A 101 -14.45 16.32 4.40
C TYR A 101 -15.55 16.13 3.35
N ASN A 102 -15.49 15.02 2.62
CA ASN A 102 -16.53 14.68 1.67
C ASN A 102 -17.54 13.71 2.28
N ILE A 103 -18.64 13.47 1.57
CA ILE A 103 -19.80 12.82 2.15
C ILE A 103 -19.48 11.45 2.71
N LEU A 104 -20.11 11.12 3.83
CA LEU A 104 -19.87 9.85 4.50
C LEU A 104 -20.24 8.68 3.60
N VAL A 105 -21.25 8.88 2.77
CA VAL A 105 -21.71 7.86 1.83
C VAL A 105 -20.64 7.53 0.78
N GLY A 106 -19.93 8.55 0.31
CA GLY A 106 -18.89 8.38 -0.71
C GLY A 106 -17.57 7.91 -0.13
N SER A 107 -17.55 7.75 1.18
CA SER A 107 -16.36 7.34 1.92
C SER A 107 -16.65 6.06 2.66
N ILE A 108 -17.93 5.68 2.67
CA ILE A 108 -18.38 4.48 3.34
C ILE A 108 -18.11 3.29 2.45
N VAL A 109 -17.79 3.60 1.20
CA VAL A 109 -17.35 2.61 0.23
C VAL A 109 -15.83 2.39 0.29
N GLY A 110 -15.14 3.17 1.12
CA GLY A 110 -13.77 2.89 1.49
C GLY A 110 -13.73 1.89 2.63
N GLY A 111 -14.90 1.45 3.08
CA GLY A 111 -15.00 0.34 4.01
C GLY A 111 -15.09 -0.97 3.23
N ILE A 112 -14.91 -0.89 1.91
CA ILE A 112 -14.70 -2.06 1.06
C ILE A 112 -13.37 -2.73 1.39
N TYR A 113 -12.38 -1.89 1.67
CA TYR A 113 -11.04 -2.31 2.04
C TYR A 113 -11.09 -3.21 3.26
N LEU A 114 -11.81 -2.76 4.28
CA LEU A 114 -11.85 -3.46 5.55
C LEU A 114 -12.78 -4.65 5.46
N GLY A 115 -13.64 -4.64 4.44
CA GLY A 115 -14.48 -5.79 4.16
C GLY A 115 -13.69 -6.92 3.57
N PHE A 116 -12.75 -6.58 2.69
CA PHE A 116 -11.92 -7.56 1.98
C PHE A 116 -10.83 -8.14 2.85
N CYS A 117 -10.04 -7.26 3.45
CA CYS A 117 -8.86 -7.66 4.18
C CYS A 117 -9.22 -8.40 5.47
N PHE A 118 -10.20 -7.86 6.20
CA PHE A 118 -10.35 -8.19 7.61
C PHE A 118 -11.63 -8.94 7.92
N ASN A 119 -12.78 -8.31 7.71
CA ASN A 119 -14.05 -8.91 8.06
C ASN A 119 -14.35 -10.19 7.30
N ALA A 120 -13.86 -10.27 6.07
CA ALA A 120 -14.06 -11.47 5.25
C ALA A 120 -12.73 -12.11 4.90
N GLY A 121 -11.65 -11.63 5.49
CA GLY A 121 -10.33 -12.13 5.15
C GLY A 121 -9.63 -12.83 6.30
N ALA A 122 -9.96 -12.43 7.53
CA ALA A 122 -9.42 -13.07 8.71
C ALA A 122 -9.80 -14.54 8.79
N PRO A 123 -11.09 -14.86 8.55
CA PRO A 123 -11.53 -16.25 8.62
C PRO A 123 -11.03 -17.06 7.44
N ALA A 124 -10.69 -16.37 6.36
CA ALA A 124 -10.16 -17.03 5.19
C ALA A 124 -8.71 -17.40 5.44
N VAL A 125 -8.10 -16.67 6.38
CA VAL A 125 -6.75 -16.96 6.80
C VAL A 125 -6.79 -18.10 7.82
N GLU A 126 -7.80 -18.07 8.70
CA GLU A 126 -8.04 -19.17 9.63
C GLU A 126 -8.27 -20.48 8.89
N ALA A 127 -9.15 -20.43 7.89
CA ALA A 127 -9.56 -21.63 7.16
C ALA A 127 -8.40 -22.20 6.36
N PHE A 128 -7.67 -21.33 5.68
CA PHE A 128 -6.54 -21.78 4.89
C PHE A 128 -5.45 -22.38 5.76
N ILE A 129 -5.14 -21.73 6.88
CA ILE A 129 -4.10 -22.22 7.76
C ILE A 129 -4.60 -23.47 8.47
N GLU A 130 -5.92 -23.59 8.57
CA GLU A 130 -6.53 -24.80 9.11
C GLU A 130 -6.28 -25.99 8.19
N LYS A 131 -6.42 -25.81 6.89
CA LYS A 131 -6.16 -26.88 5.91
C LYS A 131 -4.70 -27.32 5.96
N VAL A 132 -3.80 -26.35 6.03
CA VAL A 132 -2.38 -26.62 6.19
C VAL A 132 -2.11 -27.27 7.55
N SER A 133 -2.96 -26.97 8.53
CA SER A 133 -2.77 -27.49 9.88
C SER A 133 -2.93 -29.01 9.95
N ARG A 134 -3.49 -29.60 8.91
CA ARG A 134 -3.62 -31.06 8.87
C ARG A 134 -3.00 -31.66 7.61
N ARG A 135 -1.97 -30.96 7.10
CA ARG A 135 -1.04 -31.52 6.13
C ARG A 135 0.36 -31.47 6.72
N SER A 136 0.56 -30.56 7.66
CA SER A 136 1.70 -30.61 8.55
C SER A 136 1.30 -31.33 9.84
N ASN A 137 2.16 -31.32 10.85
CA ASN A 137 1.93 -32.07 12.08
C ASN A 137 1.71 -31.19 13.31
N PHE A 138 0.64 -30.39 13.29
CA PHE A 138 0.32 -29.52 14.43
C PHE A 138 -1.17 -29.21 14.50
N GLU A 139 -1.61 -28.68 15.64
CA GLU A 139 -3.02 -28.38 15.87
C GLU A 139 -3.38 -26.93 15.63
N PHE A 140 -4.49 -26.70 14.94
CA PHE A 140 -4.92 -25.36 14.53
C PHE A 140 -5.01 -24.40 15.70
N GLY A 141 -5.33 -24.92 16.89
CA GLY A 141 -5.50 -24.08 18.06
C GLY A 141 -4.15 -23.52 18.43
N ARG A 142 -3.13 -24.37 18.29
CA ARG A 142 -1.75 -23.91 18.34
C ARG A 142 -1.50 -23.12 17.06
N ALA A 143 -0.63 -22.11 17.12
CA ALA A 143 -0.35 -21.23 15.98
C ALA A 143 -1.43 -20.17 15.80
N ARG A 144 -2.68 -20.54 16.10
CA ARG A 144 -3.78 -19.59 16.02
C ARG A 144 -3.69 -18.80 17.31
N MET A 145 -3.08 -19.45 18.30
CA MET A 145 -2.84 -18.86 19.60
C MET A 145 -1.92 -17.65 19.48
N PHE A 146 -1.19 -17.60 18.37
CA PHE A 146 -0.32 -16.48 18.08
C PHE A 146 -1.16 -15.23 17.81
N GLY A 147 -2.34 -15.41 17.24
CA GLY A 147 -3.21 -14.30 16.93
C GLY A 147 -3.53 -13.44 18.14
N CYS A 148 -3.75 -14.09 19.27
CA CYS A 148 -4.12 -13.40 20.50
C CYS A 148 -2.97 -12.56 21.05
N VAL A 149 -1.76 -13.12 21.02
CA VAL A 149 -0.60 -12.41 21.53
C VAL A 149 -0.15 -11.32 20.55
N GLY A 150 -0.30 -11.56 19.25
CA GLY A 150 -0.06 -10.52 18.27
C GLY A 150 -1.09 -9.42 18.39
N TRP A 151 -2.31 -9.81 18.72
CA TRP A 151 -3.40 -8.89 18.99
C TRP A 151 -3.09 -8.10 20.27
N ALA A 152 -2.54 -8.78 21.26
CA ALA A 152 -2.26 -8.16 22.55
C ALA A 152 -1.09 -7.18 22.43
N LEU A 153 -0.06 -7.58 21.69
CA LEU A 153 1.13 -6.75 21.52
C LEU A 153 0.77 -5.41 20.89
N CYS A 154 0.08 -5.47 19.76
CA CYS A 154 -0.41 -4.26 19.10
C CYS A 154 -1.39 -3.49 19.98
N ALA A 155 -2.19 -4.23 20.75
CA ALA A 155 -3.21 -3.62 21.61
C ALA A 155 -2.61 -2.66 22.61
N SER A 156 -1.51 -3.06 23.24
CA SER A 156 -0.80 -2.21 24.19
C SER A 156 -0.27 -0.97 23.48
N ILE A 157 0.38 -1.18 22.34
CA ILE A 157 1.04 -0.10 21.61
C ILE A 157 0.07 1.01 21.18
N VAL A 158 -1.19 0.64 20.89
CA VAL A 158 -2.20 1.65 20.56
C VAL A 158 -2.35 2.63 21.70
N GLY A 159 -2.44 2.12 22.93
CA GLY A 159 -2.69 2.96 24.09
C GLY A 159 -1.41 3.67 24.47
N ILE A 160 -0.32 2.92 24.40
CA ILE A 160 1.00 3.46 24.66
C ILE A 160 1.31 4.58 23.66
N MET A 161 0.81 4.48 22.42
CA MET A 161 1.05 5.49 21.38
C MET A 161 -0.10 6.48 21.10
N PHE A 162 -1.13 6.47 21.95
CA PHE A 162 -2.35 7.22 21.66
C PHE A 162 -2.18 8.73 21.76
N THR A 163 -1.24 9.17 22.59
CA THR A 163 -1.00 10.60 22.77
C THR A 163 0.30 11.07 22.17
N ILE A 164 1.10 10.11 21.70
CA ILE A 164 2.44 10.40 21.20
C ILE A 164 2.47 10.62 19.69
N ASN A 165 2.02 9.60 18.96
CA ASN A 165 1.92 9.68 17.51
C ASN A 165 0.89 8.66 17.05
N ASN A 166 -0.34 9.13 16.87
CA ASN A 166 -1.47 8.23 16.70
C ASN A 166 -1.53 7.60 15.31
N GLN A 167 -0.63 8.03 14.43
CA GLN A 167 -0.53 7.43 13.11
C GLN A 167 0.48 6.28 13.07
N PHE A 168 1.30 6.19 14.11
CA PHE A 168 2.41 5.25 14.14
C PHE A 168 1.99 3.79 14.00
N VAL A 169 0.89 3.43 14.65
CA VAL A 169 0.46 2.03 14.69
C VAL A 169 0.18 1.52 13.29
N PHE A 170 -0.39 2.39 12.46
CA PHE A 170 -0.64 2.09 11.06
C PHE A 170 0.63 1.90 10.25
N TRP A 171 1.58 2.81 10.45
CA TRP A 171 2.87 2.73 9.75
C TRP A 171 3.62 1.45 10.11
N LEU A 172 3.59 1.08 11.39
CA LEU A 172 4.23 -0.15 11.83
C LEU A 172 3.44 -1.35 11.32
N GLY A 173 2.12 -1.23 11.34
CA GLY A 173 1.23 -2.23 10.81
C GLY A 173 1.57 -2.59 9.38
N SER A 174 1.72 -1.57 8.55
CA SER A 174 2.04 -1.76 7.13
C SER A 174 3.39 -2.45 6.94
N GLY A 175 4.34 -2.15 7.82
CA GLY A 175 5.64 -2.78 7.76
C GLY A 175 5.59 -4.28 8.01
N CYS A 176 4.56 -4.70 8.75
CA CYS A 176 4.37 -6.12 9.06
C CYS A 176 3.67 -6.86 7.91
N ALA A 177 3.04 -6.11 7.02
CA ALA A 177 2.35 -6.69 5.88
C ALA A 177 3.35 -7.34 4.91
N LEU A 178 4.52 -6.72 4.77
CA LEU A 178 5.55 -7.27 3.89
C LEU A 178 6.27 -8.40 4.60
N ILE A 179 6.37 -8.32 5.94
CA ILE A 179 6.85 -9.43 6.73
C ILE A 179 5.91 -10.61 6.52
N LEU A 180 4.64 -10.28 6.33
CA LEU A 180 3.59 -11.27 6.09
C LEU A 180 3.72 -11.88 4.70
N ALA A 181 4.18 -11.07 3.74
CA ALA A 181 4.44 -11.54 2.40
C ALA A 181 5.61 -12.51 2.41
N VAL A 182 6.61 -12.16 3.20
CA VAL A 182 7.82 -12.98 3.36
C VAL A 182 7.47 -14.40 3.82
N LEU A 183 6.72 -14.50 4.91
CA LEU A 183 6.41 -15.80 5.49
C LEU A 183 5.48 -16.61 4.61
N LEU A 184 4.69 -15.93 3.79
CA LEU A 184 3.80 -16.61 2.87
C LEU A 184 4.61 -17.26 1.75
N PHE A 185 5.64 -16.57 1.30
CA PHE A 185 6.53 -17.05 0.24
C PHE A 185 7.37 -18.27 0.67
N PHE A 186 8.11 -18.14 1.76
CA PHE A 186 9.04 -19.19 2.18
C PHE A 186 8.37 -20.48 2.63
N ALA A 187 7.20 -20.36 3.23
CA ALA A 187 6.46 -21.56 3.60
C ALA A 187 6.10 -22.38 2.36
N LYS A 188 6.20 -23.70 2.48
CA LYS A 188 5.95 -24.61 1.37
C LYS A 188 4.84 -25.56 1.77
N THR A 189 3.81 -25.69 0.94
CA THR A 189 2.63 -26.47 1.33
C THR A 189 1.98 -27.25 0.19
N ASP A 190 2.14 -28.57 0.23
CA ASP A 190 1.47 -29.48 -0.69
C ASP A 190 1.24 -30.84 -0.03
N ALA A 207 -11.24 -32.74 -6.08
CA ALA A 207 -11.99 -31.76 -5.32
C ALA A 207 -13.44 -31.64 -5.80
N PHE A 208 -13.98 -30.42 -5.76
CA PHE A 208 -15.41 -30.22 -5.96
C PHE A 208 -15.80 -29.46 -7.22
N SER A 209 -17.04 -29.00 -7.23
CA SER A 209 -17.54 -27.97 -8.14
C SER A 209 -18.70 -27.30 -7.42
N LEU A 210 -19.08 -26.11 -7.85
CA LEU A 210 -20.02 -25.30 -7.07
C LEU A 210 -21.44 -25.87 -7.06
N LYS A 211 -21.72 -26.80 -7.95
CA LYS A 211 -23.03 -27.41 -8.01
C LYS A 211 -23.16 -28.51 -6.95
N LEU A 212 -22.03 -29.11 -6.59
CA LEU A 212 -21.97 -30.02 -5.45
C LEU A 212 -22.02 -29.25 -4.15
N ALA A 213 -21.57 -27.99 -4.19
CA ALA A 213 -21.60 -27.11 -3.03
C ALA A 213 -23.04 -26.80 -2.62
N LEU A 214 -23.92 -26.66 -3.61
CA LEU A 214 -25.32 -26.35 -3.36
C LEU A 214 -26.06 -27.55 -2.81
N GLU A 215 -25.46 -28.74 -2.90
CA GLU A 215 -26.00 -29.94 -2.28
C GLU A 215 -26.06 -29.79 -0.75
N LEU A 216 -25.04 -29.16 -0.18
CA LEU A 216 -24.95 -29.00 1.28
C LEU A 216 -26.09 -28.18 1.86
N PHE A 217 -26.67 -27.32 1.04
CA PHE A 217 -27.71 -26.42 1.51
C PHE A 217 -29.07 -27.10 1.60
N ARG A 218 -29.15 -28.34 1.14
CA ARG A 218 -30.38 -29.13 1.29
C ARG A 218 -30.09 -30.35 2.17
N GLN A 219 -28.83 -30.53 2.51
CA GLN A 219 -28.46 -31.49 3.56
C GLN A 219 -28.88 -30.89 4.90
N PRO A 220 -29.59 -31.67 5.70
CA PRO A 220 -30.23 -31.12 6.89
C PRO A 220 -29.24 -31.06 8.06
N LYS A 221 -28.02 -31.52 7.79
CA LYS A 221 -26.95 -31.47 8.79
C LYS A 221 -26.28 -30.10 8.83
N LEU A 222 -26.41 -29.34 7.75
CA LEU A 222 -25.96 -27.94 7.72
C LEU A 222 -26.94 -27.02 8.43
N TRP A 223 -28.22 -27.32 8.26
CA TRP A 223 -29.29 -26.50 8.82
C TRP A 223 -29.19 -26.40 10.34
N PHE A 224 -28.67 -27.44 10.97
CA PHE A 224 -28.60 -27.51 12.42
C PHE A 224 -27.29 -26.95 12.94
N LEU A 225 -26.25 -27.01 12.12
CA LEU A 225 -25.01 -26.33 12.44
C LEU A 225 -25.19 -24.82 12.40
N SER A 226 -25.82 -24.34 11.34
CA SER A 226 -26.03 -22.92 11.13
C SER A 226 -27.07 -22.39 12.11
N LEU A 227 -27.96 -23.28 12.53
CA LEU A 227 -28.94 -22.92 13.54
C LEU A 227 -28.19 -22.52 14.79
N TYR A 228 -27.21 -23.32 15.16
CA TYR A 228 -26.38 -23.05 16.33
C TYR A 228 -25.71 -21.69 16.22
N VAL A 229 -25.34 -21.29 15.00
CA VAL A 229 -24.63 -20.03 14.82
C VAL A 229 -25.57 -18.84 14.92
N ILE A 230 -26.71 -18.93 14.24
CA ILE A 230 -27.73 -17.90 14.34
C ILE A 230 -28.24 -17.77 15.78
N GLY A 231 -28.30 -18.89 16.50
CA GLY A 231 -28.78 -18.90 17.86
C GLY A 231 -27.77 -18.43 18.88
N VAL A 232 -26.65 -19.14 18.99
CA VAL A 232 -25.67 -18.93 20.04
C VAL A 232 -24.64 -17.85 19.70
N SER A 233 -24.10 -17.92 18.49
CA SER A 233 -22.96 -17.09 18.13
C SER A 233 -23.41 -15.71 17.67
N CYS A 234 -24.55 -15.65 16.99
CA CYS A 234 -25.13 -14.37 16.61
C CYS A 234 -25.57 -13.57 17.83
N THR A 235 -26.23 -14.25 18.76
CA THR A 235 -26.69 -13.61 19.99
C THR A 235 -25.51 -13.12 20.81
N TYR A 236 -24.42 -13.88 20.80
CA TYR A 236 -23.24 -13.55 21.59
C TYR A 236 -22.50 -12.35 21.03
N ASP A 237 -22.42 -12.25 19.71
CA ASP A 237 -21.59 -11.22 19.10
C ASP A 237 -22.34 -9.88 19.00
N VAL A 238 -23.66 -9.92 19.09
CA VAL A 238 -24.44 -8.69 19.23
C VAL A 238 -24.43 -8.24 20.67
N PHE A 239 -24.29 -9.19 21.58
CA PHE A 239 -24.15 -8.92 23.00
C PHE A 239 -22.85 -8.18 23.28
N ASP A 240 -21.81 -8.52 22.53
CA ASP A 240 -20.48 -7.94 22.71
C ASP A 240 -20.33 -6.70 21.83
N GLN A 241 -21.44 -6.26 21.26
CA GLN A 241 -21.47 -5.07 20.41
C GLN A 241 -21.20 -3.79 21.19
N GLN A 242 -22.09 -3.45 22.11
CA GLN A 242 -22.03 -2.19 22.84
C GLN A 242 -21.76 -2.48 24.31
N PHE A 243 -20.96 -3.52 24.54
CA PHE A 243 -20.53 -3.91 25.88
C PHE A 243 -19.66 -2.81 26.46
N ALA A 244 -19.05 -2.01 25.59
CA ALA A 244 -18.21 -0.89 26.00
C ALA A 244 -19.04 0.14 26.78
N ASN A 245 -20.25 0.41 26.33
CA ASN A 245 -21.16 1.32 27.02
C ASN A 245 -21.67 0.73 28.34
N PHE A 246 -21.84 -0.59 28.38
CA PHE A 246 -22.25 -1.28 29.60
C PHE A 246 -21.15 -1.35 30.64
N PHE A 247 -19.92 -1.54 30.17
CA PHE A 247 -18.77 -1.74 31.05
C PHE A 247 -18.40 -0.47 31.79
N THR A 248 -18.47 0.66 31.10
CA THR A 248 -17.99 1.94 31.63
C THR A 248 -18.73 2.42 32.88
N SER A 249 -20.02 2.11 32.96
CA SER A 249 -20.86 2.65 34.02
C SER A 249 -20.41 2.16 35.41
N PHE A 250 -19.82 0.97 35.44
CA PHE A 250 -19.41 0.34 36.71
C PHE A 250 -17.99 0.74 37.14
N PHE A 251 -17.40 1.71 36.44
CA PHE A 251 -16.26 2.46 36.96
C PHE A 251 -16.70 3.85 37.38
N ALA A 252 -15.94 4.48 38.27
CA ALA A 252 -16.31 5.78 38.82
C ALA A 252 -16.36 6.84 37.72
N THR A 253 -15.37 6.83 36.84
CA THR A 253 -15.35 7.75 35.70
C THR A 253 -15.43 6.94 34.41
N GLY A 254 -16.22 7.44 33.44
CA GLY A 254 -16.29 6.80 32.14
C GLY A 254 -14.90 6.66 31.55
N GLU A 255 -14.13 7.74 31.65
CA GLU A 255 -12.78 7.78 31.12
C GLU A 255 -11.82 6.80 31.82
N GLN A 256 -11.86 6.78 33.14
CA GLN A 256 -10.96 5.92 33.92
C GLN A 256 -11.24 4.44 33.69
N GLY A 257 -12.52 4.12 33.45
CA GLY A 257 -12.91 2.76 33.13
C GLY A 257 -12.37 2.34 31.78
N THR A 258 -12.35 3.29 30.84
CA THR A 258 -11.75 3.07 29.53
C THR A 258 -10.25 2.77 29.65
N ARG A 259 -9.59 3.48 30.55
CA ARG A 259 -8.15 3.35 30.75
C ARG A 259 -7.80 2.02 31.40
N VAL A 260 -8.80 1.37 31.99
CA VAL A 260 -8.63 0.04 32.54
C VAL A 260 -9.11 -1.03 31.56
N PHE A 261 -9.91 -0.61 30.58
CA PHE A 261 -10.42 -1.52 29.56
C PHE A 261 -9.33 -2.16 28.69
N TRP A 262 -8.41 -1.37 28.16
CA TRP A 262 -7.35 -1.94 27.32
C TRP A 262 -6.38 -2.74 28.16
N TYR A 263 -6.37 -2.49 29.48
CA TYR A 263 -5.61 -3.34 30.39
C TYR A 263 -6.18 -4.76 30.41
N VAL A 264 -7.49 -4.87 30.53
CA VAL A 264 -8.15 -6.17 30.57
C VAL A 264 -7.97 -6.88 29.24
N THR A 265 -8.20 -6.16 28.16
CA THR A 265 -8.09 -6.71 26.82
C THR A 265 -6.67 -7.17 26.52
N THR A 266 -5.70 -6.32 26.82
CA THR A 266 -4.30 -6.67 26.59
C THR A 266 -3.91 -7.90 27.40
N MET A 267 -4.22 -7.89 28.69
CA MET A 267 -3.77 -8.96 29.56
C MET A 267 -4.51 -10.26 29.25
N GLY A 268 -5.83 -10.18 29.09
CA GLY A 268 -6.65 -11.37 29.01
C GLY A 268 -6.45 -12.13 27.72
N GLU A 269 -5.86 -11.48 26.73
CA GLU A 269 -5.58 -12.13 25.46
C GLU A 269 -4.37 -13.06 25.58
N LEU A 270 -3.41 -12.69 26.43
CA LEU A 270 -2.30 -13.59 26.75
C LEU A 270 -2.82 -14.85 27.41
N LEU A 271 -3.77 -14.70 28.32
CA LEU A 271 -4.44 -15.85 28.90
C LEU A 271 -5.18 -16.64 27.83
N ASN A 272 -5.79 -15.93 26.90
CA ASN A 272 -6.57 -16.53 25.82
C ASN A 272 -5.72 -17.47 24.95
N ALA A 273 -4.50 -17.07 24.67
CA ALA A 273 -3.57 -17.93 23.93
C ALA A 273 -3.26 -19.17 24.77
N SER A 274 -3.13 -18.97 26.07
CA SER A 274 -2.81 -20.06 26.98
C SER A 274 -3.95 -21.07 27.00
N ILE A 275 -5.18 -20.57 27.10
CA ILE A 275 -6.36 -21.43 27.06
C ILE A 275 -6.44 -22.19 25.73
N MET A 276 -6.11 -21.51 24.64
CA MET A 276 -6.08 -22.12 23.32
C MET A 276 -4.97 -23.16 23.22
N PHE A 277 -3.90 -22.96 23.99
CA PHE A 277 -2.73 -23.84 23.94
C PHE A 277 -3.16 -25.25 24.30
N PHE A 278 -3.97 -25.37 25.34
CA PHE A 278 -4.41 -26.67 25.82
C PHE A 278 -5.73 -27.04 25.17
N ALA A 279 -6.29 -26.10 24.41
CA ALA A 279 -7.58 -26.28 23.75
C ALA A 279 -7.69 -27.55 22.89
N PRO A 280 -6.74 -27.74 21.97
CA PRO A 280 -6.86 -28.83 20.98
C PRO A 280 -6.77 -30.22 21.58
N LEU A 281 -6.12 -30.33 22.74
CA LEU A 281 -6.05 -31.61 23.44
C LEU A 281 -7.41 -31.88 24.07
N ILE A 282 -7.93 -30.87 24.76
CA ILE A 282 -9.26 -30.95 25.33
C ILE A 282 -10.27 -31.24 24.23
N ILE A 283 -10.16 -30.49 23.13
CA ILE A 283 -11.06 -30.60 22.00
C ILE A 283 -11.01 -31.97 21.32
N ASN A 284 -9.83 -32.58 21.23
CA ASN A 284 -9.68 -33.80 20.43
C ASN A 284 -10.45 -35.01 20.94
N ARG A 285 -10.57 -35.13 22.26
CA ARG A 285 -11.29 -36.24 22.89
C ARG A 285 -12.77 -36.02 23.22
N ILE A 286 -13.06 -34.81 23.68
CA ILE A 286 -14.37 -34.41 24.10
C ILE A 286 -15.19 -34.55 22.86
N GLY A 287 -14.54 -34.31 21.72
CA GLY A 287 -15.20 -34.38 20.45
C GLY A 287 -15.67 -32.99 20.06
N GLY A 288 -15.98 -32.84 18.78
CA GLY A 288 -16.40 -31.56 18.24
C GLY A 288 -17.69 -30.98 18.80
N LYS A 289 -18.68 -31.83 19.05
CA LYS A 289 -20.01 -31.32 19.36
C LYS A 289 -20.00 -30.72 20.77
N ASN A 290 -19.47 -31.48 21.73
CA ASN A 290 -19.31 -31.01 23.10
C ASN A 290 -18.40 -29.80 23.20
N ALA A 291 -17.59 -29.60 22.17
CA ALA A 291 -16.71 -28.44 22.13
C ALA A 291 -17.54 -27.18 21.90
N LEU A 292 -18.50 -27.28 20.98
CA LEU A 292 -19.40 -26.17 20.67
C LEU A 292 -20.41 -25.98 21.79
N LEU A 293 -20.90 -27.08 22.35
CA LEU A 293 -21.85 -27.01 23.44
C LEU A 293 -21.20 -26.33 24.64
N LEU A 294 -19.95 -26.68 24.90
CA LEU A 294 -19.18 -26.08 25.98
C LEU A 294 -18.92 -24.60 25.73
N ALA A 295 -18.64 -24.26 24.49
CA ALA A 295 -18.49 -22.88 24.07
C ALA A 295 -19.81 -22.13 24.23
N GLY A 296 -20.89 -22.77 23.80
CA GLY A 296 -22.22 -22.20 23.94
C GLY A 296 -22.62 -21.96 25.38
N THR A 297 -22.11 -22.79 26.28
CA THR A 297 -22.42 -22.65 27.70
C THR A 297 -21.65 -21.47 28.29
N ILE A 298 -20.37 -21.37 27.96
CA ILE A 298 -19.54 -20.27 28.42
C ILE A 298 -20.06 -18.93 27.88
N MET A 299 -20.53 -18.96 26.64
CA MET A 299 -21.15 -17.80 26.01
C MET A 299 -22.44 -17.38 26.70
N SER A 300 -23.32 -18.35 26.95
CA SER A 300 -24.59 -18.09 27.61
C SER A 300 -24.38 -17.59 29.04
N VAL A 301 -23.43 -18.20 29.73
CA VAL A 301 -23.12 -17.82 31.12
C VAL A 301 -22.73 -16.35 31.20
N ARG A 302 -21.97 -15.89 30.21
CA ARG A 302 -21.54 -14.51 30.17
C ARG A 302 -22.72 -13.58 29.83
N ILE A 303 -23.63 -14.05 28.98
CA ILE A 303 -24.73 -13.21 28.51
C ILE A 303 -25.83 -13.08 29.56
N ILE A 304 -26.12 -14.18 30.26
CA ILE A 304 -27.10 -14.15 31.35
C ILE A 304 -26.57 -13.50 32.62
N GLY A 305 -25.36 -13.88 33.03
CA GLY A 305 -24.77 -13.41 34.25
C GLY A 305 -24.43 -11.92 34.26
N SER A 306 -24.48 -11.31 33.09
CA SER A 306 -24.18 -9.89 32.97
C SER A 306 -25.38 -9.09 33.43
N SER A 307 -26.52 -9.78 33.51
CA SER A 307 -27.74 -9.19 34.04
C SER A 307 -27.65 -9.05 35.56
N PHE A 308 -26.79 -9.88 36.16
CA PHE A 308 -26.61 -9.86 37.61
C PHE A 308 -25.32 -9.14 37.99
N ALA A 309 -24.95 -8.14 37.20
CA ALA A 309 -23.72 -7.37 37.40
C ALA A 309 -23.99 -6.13 38.25
N THR A 310 -23.11 -5.87 39.22
CA THR A 310 -23.29 -4.73 40.12
C THR A 310 -21.99 -3.99 40.41
N SER A 311 -20.87 -4.70 40.34
CA SER A 311 -19.57 -4.14 40.74
C SER A 311 -18.50 -4.28 39.66
N ALA A 312 -17.43 -3.52 39.80
CA ALA A 312 -16.35 -3.51 38.82
C ALA A 312 -15.65 -4.86 38.68
N LEU A 313 -15.40 -5.53 39.80
CA LEU A 313 -14.75 -6.84 39.78
C LEU A 313 -15.61 -7.86 39.05
N GLU A 314 -16.92 -7.77 39.23
CA GLU A 314 -17.87 -8.68 38.60
C GLU A 314 -17.83 -8.53 37.09
N VAL A 315 -17.89 -7.29 36.61
CA VAL A 315 -17.93 -7.01 35.18
C VAL A 315 -16.58 -7.29 34.52
N VAL A 316 -15.51 -7.13 35.30
CA VAL A 316 -14.16 -7.43 34.82
C VAL A 316 -13.98 -8.92 34.57
N ILE A 317 -14.41 -9.74 35.52
CA ILE A 317 -14.28 -11.19 35.41
C ILE A 317 -15.18 -11.74 34.31
N LEU A 318 -16.36 -11.14 34.17
CA LEU A 318 -17.29 -11.50 33.10
C LEU A 318 -16.63 -11.34 31.74
N LYS A 319 -15.93 -10.22 31.56
CA LYS A 319 -15.28 -9.92 30.28
C LYS A 319 -14.20 -10.95 29.99
N THR A 320 -13.61 -11.50 31.04
CA THR A 320 -12.56 -12.49 30.89
C THR A 320 -13.09 -13.85 30.42
N LEU A 321 -14.39 -14.07 30.59
CA LEU A 321 -15.04 -15.28 30.07
C LEU A 321 -14.86 -15.32 28.56
N HIS A 322 -14.81 -14.13 27.97
CA HIS A 322 -14.57 -13.98 26.54
C HIS A 322 -13.27 -14.66 26.11
N MET A 323 -12.36 -14.85 27.07
CA MET A 323 -11.06 -15.44 26.78
C MET A 323 -11.09 -16.93 27.04
N PHE A 324 -12.16 -17.40 27.70
CA PHE A 324 -12.39 -18.82 27.90
C PHE A 324 -13.20 -19.34 26.72
N GLU A 325 -13.89 -18.41 26.07
CA GLU A 325 -14.87 -18.74 25.04
C GLU A 325 -14.24 -18.95 23.67
N VAL A 326 -13.27 -18.10 23.33
CA VAL A 326 -12.73 -18.04 21.97
C VAL A 326 -12.11 -19.37 21.55
N PRO A 327 -11.21 -19.93 22.38
CA PRO A 327 -10.51 -21.18 22.03
C PRO A 327 -11.45 -22.30 21.61
N PHE A 328 -12.52 -22.51 22.38
CA PHE A 328 -13.44 -23.60 22.16
C PHE A 328 -14.33 -23.38 20.94
N LEU A 329 -14.72 -22.14 20.70
CA LEU A 329 -15.53 -21.83 19.52
C LEU A 329 -14.71 -21.99 18.25
N LEU A 330 -13.55 -21.36 18.20
CA LEU A 330 -12.70 -21.38 17.01
C LEU A 330 -12.17 -22.77 16.71
N VAL A 331 -11.47 -23.35 17.68
CA VAL A 331 -10.91 -24.68 17.51
C VAL A 331 -12.02 -25.71 17.30
N GLY A 332 -13.09 -25.60 18.09
CA GLY A 332 -14.19 -26.54 18.02
C GLY A 332 -14.97 -26.59 16.73
N CYS A 333 -15.22 -25.43 16.12
CA CYS A 333 -16.01 -25.37 14.89
C CYS A 333 -15.30 -26.09 13.75
N PHE A 334 -13.98 -25.96 13.69
CA PHE A 334 -13.22 -26.65 12.65
C PHE A 334 -13.24 -28.16 12.87
N LYS A 335 -13.08 -28.59 14.12
CA LYS A 335 -13.18 -30.01 14.46
C LYS A 335 -14.56 -30.55 14.10
N TYR A 336 -15.60 -29.74 14.31
CA TYR A 336 -16.95 -30.11 13.93
C TYR A 336 -17.13 -30.20 12.42
N ILE A 337 -16.70 -29.16 11.73
CA ILE A 337 -16.94 -29.04 10.29
C ILE A 337 -16.17 -30.13 9.54
N THR A 338 -14.94 -30.39 9.97
CA THR A 338 -14.09 -31.42 9.38
C THR A 338 -14.60 -32.82 9.72
N SER A 339 -14.98 -33.02 10.99
CA SER A 339 -15.41 -34.34 11.46
C SER A 339 -16.74 -34.78 10.83
N GLN A 340 -17.72 -33.88 10.79
CA GLN A 340 -19.07 -34.28 10.39
C GLN A 340 -19.36 -33.95 8.92
N PHE A 341 -18.52 -33.13 8.31
CA PHE A 341 -18.70 -32.80 6.91
C PHE A 341 -17.46 -33.17 6.10
N GLU A 342 -17.65 -33.37 4.79
CA GLU A 342 -16.55 -33.64 3.87
C GLU A 342 -15.60 -32.44 3.79
N VAL A 343 -14.29 -32.71 3.80
CA VAL A 343 -13.27 -31.67 3.91
C VAL A 343 -13.16 -30.88 2.62
N ARG A 344 -13.82 -31.39 1.57
CA ARG A 344 -13.88 -30.70 0.30
C ARG A 344 -14.75 -29.46 0.39
N PHE A 345 -15.08 -29.05 1.60
CA PHE A 345 -15.98 -27.94 1.80
C PHE A 345 -15.74 -27.22 3.13
N SER A 346 -14.58 -27.44 3.73
CA SER A 346 -14.32 -26.91 5.08
C SER A 346 -14.32 -25.39 5.12
N ALA A 347 -13.69 -24.77 4.13
CA ALA A 347 -13.63 -23.32 4.04
C ALA A 347 -15.01 -22.74 3.75
N THR A 348 -15.72 -23.35 2.81
CA THR A 348 -17.03 -22.87 2.41
C THR A 348 -18.06 -22.84 3.55
N ILE A 349 -18.23 -23.96 4.24
CA ILE A 349 -19.29 -24.06 5.25
C ILE A 349 -18.85 -23.40 6.54
N TYR A 350 -17.57 -23.06 6.61
CA TYR A 350 -17.08 -22.18 7.66
C TYR A 350 -17.48 -20.74 7.36
N LEU A 351 -17.18 -20.30 6.14
CA LEU A 351 -17.35 -18.89 5.81
C LEU A 351 -18.80 -18.62 5.44
N VAL A 352 -19.61 -19.67 5.38
CA VAL A 352 -21.04 -19.47 5.17
C VAL A 352 -21.86 -19.64 6.44
N CYS A 353 -21.42 -20.50 7.36
CA CYS A 353 -22.18 -20.69 8.59
C CYS A 353 -21.64 -19.86 9.77
N PHE A 354 -20.34 -19.93 10.04
CA PHE A 354 -19.79 -19.30 11.23
C PHE A 354 -19.38 -17.85 10.95
N CYS A 355 -19.62 -17.40 9.72
CA CYS A 355 -19.25 -16.06 9.33
C CYS A 355 -20.39 -15.35 8.62
N PHE A 356 -20.81 -15.91 7.48
CA PHE A 356 -21.89 -15.32 6.69
C PHE A 356 -23.23 -15.29 7.41
N PHE A 357 -23.69 -16.48 7.79
CA PHE A 357 -24.97 -16.63 8.46
C PHE A 357 -24.93 -16.02 9.85
N LYS A 358 -23.75 -15.95 10.44
CA LYS A 358 -23.56 -15.25 11.71
C LYS A 358 -23.69 -13.75 11.50
N GLN A 359 -23.14 -13.25 10.40
CA GLN A 359 -23.16 -11.83 10.09
C GLN A 359 -24.54 -11.39 9.60
N LEU A 360 -25.19 -12.25 8.83
CA LEU A 360 -26.48 -11.94 8.25
C LEU A 360 -27.56 -11.81 9.32
N ALA A 361 -27.48 -12.66 10.34
CA ALA A 361 -28.42 -12.61 11.45
C ALA A 361 -28.03 -11.53 12.44
N MET A 362 -26.80 -11.03 12.34
CA MET A 362 -26.31 -10.07 13.32
C MET A 362 -26.74 -8.67 12.90
N ILE A 363 -27.36 -8.57 11.74
CA ILE A 363 -27.95 -7.32 11.29
C ILE A 363 -29.24 -7.06 12.06
N PHE A 364 -30.05 -8.10 12.21
CA PHE A 364 -31.38 -8.00 12.80
C PHE A 364 -31.36 -8.14 14.32
N MET A 365 -30.46 -8.97 14.82
CA MET A 365 -30.39 -9.23 16.26
C MET A 365 -29.79 -8.03 16.98
N SER A 366 -29.11 -7.18 16.22
CA SER A 366 -28.58 -5.92 16.74
C SER A 366 -29.64 -4.82 16.69
N VAL A 367 -30.47 -4.86 15.65
CA VAL A 367 -31.54 -3.88 15.47
C VAL A 367 -32.53 -3.88 16.62
N LEU A 368 -32.91 -5.06 17.08
CA LEU A 368 -33.90 -5.16 18.16
C LEU A 368 -33.17 -5.35 19.49
N ALA A 369 -31.86 -5.14 19.46
CA ALA A 369 -31.09 -5.03 20.68
C ALA A 369 -31.06 -3.58 21.13
N GLY A 370 -31.31 -2.66 20.20
CA GLY A 370 -31.50 -1.27 20.54
C GLY A 370 -32.93 -0.99 20.98
N ASN A 371 -33.89 -1.72 20.40
CA ASN A 371 -35.26 -1.69 20.89
C ASN A 371 -35.48 -2.55 22.12
N MET A 372 -34.38 -2.87 22.79
CA MET A 372 -34.43 -3.63 24.01
C MET A 372 -33.55 -2.94 25.04
N TYR A 373 -32.63 -2.11 24.57
CA TYR A 373 -31.92 -1.17 25.44
C TYR A 373 -32.91 -0.16 26.02
N GLU A 374 -33.77 0.37 25.17
CA GLU A 374 -34.81 1.29 25.60
C GLU A 374 -35.98 0.58 26.25
N SER A 375 -36.49 -0.44 25.56
CA SER A 375 -37.73 -1.10 25.97
C SER A 375 -37.65 -1.81 27.31
N ILE A 376 -36.44 -2.18 27.74
CA ILE A 376 -36.31 -2.93 28.99
C ILE A 376 -34.90 -2.83 29.62
N GLY A 377 -34.17 -1.76 29.31
CA GLY A 377 -32.90 -1.52 29.98
C GLY A 377 -31.76 -2.44 29.55
N PHE A 378 -30.54 -2.12 29.97
CA PHE A 378 -29.36 -2.85 29.53
C PHE A 378 -29.31 -4.27 30.09
N GLN A 379 -29.48 -4.40 31.41
CA GLN A 379 -29.41 -5.71 32.05
C GLN A 379 -30.66 -6.54 31.76
N GLY A 380 -31.73 -5.87 31.33
CA GLY A 380 -32.95 -6.56 30.98
C GLY A 380 -32.91 -6.99 29.52
N ALA A 381 -32.03 -6.37 28.75
CA ALA A 381 -31.80 -6.76 27.37
C ALA A 381 -30.91 -8.01 27.31
N TYR A 382 -29.92 -8.07 28.19
CA TYR A 382 -29.01 -9.22 28.24
C TYR A 382 -29.73 -10.50 28.69
N LEU A 383 -30.86 -10.33 29.38
CA LEU A 383 -31.63 -11.46 29.88
C LEU A 383 -32.38 -12.17 28.76
N VAL A 384 -32.96 -11.39 27.85
CA VAL A 384 -33.67 -11.95 26.70
C VAL A 384 -32.69 -12.67 25.78
N LEU A 385 -31.53 -12.05 25.56
CA LEU A 385 -30.51 -12.61 24.70
C LEU A 385 -29.96 -13.91 25.27
N GLY A 386 -29.63 -13.89 26.56
CA GLY A 386 -29.02 -15.02 27.22
C GLY A 386 -29.90 -16.25 27.25
N LEU A 387 -31.21 -16.05 27.28
CA LEU A 387 -32.14 -17.17 27.33
C LEU A 387 -32.49 -17.63 25.93
N VAL A 388 -32.04 -16.86 24.94
CA VAL A 388 -32.07 -17.29 23.55
C VAL A 388 -30.74 -17.97 23.22
N ALA A 389 -29.66 -17.49 23.83
CA ALA A 389 -28.34 -18.07 23.66
C ALA A 389 -28.29 -19.41 24.37
N LEU A 390 -28.74 -19.43 25.62
CA LEU A 390 -28.84 -20.69 26.36
C LEU A 390 -29.90 -21.56 25.70
N GLY A 391 -30.93 -20.92 25.17
CA GLY A 391 -31.99 -21.60 24.44
C GLY A 391 -31.44 -22.48 23.33
N PHE A 392 -30.61 -21.90 22.46
CA PHE A 392 -30.12 -22.64 21.31
C PHE A 392 -28.87 -23.46 21.62
N THR A 393 -28.21 -23.17 22.74
CA THR A 393 -27.12 -24.03 23.17
C THR A 393 -27.70 -25.37 23.60
N LEU A 394 -28.75 -25.31 24.41
CA LEU A 394 -29.40 -26.52 24.92
C LEU A 394 -30.07 -27.29 23.79
N ILE A 395 -30.67 -26.55 22.85
CA ILE A 395 -31.31 -27.17 21.69
C ILE A 395 -30.33 -27.93 20.79
N SER A 396 -29.07 -27.47 20.74
CA SER A 396 -28.11 -28.06 19.81
C SER A 396 -27.43 -29.28 20.40
N VAL A 397 -27.95 -29.77 21.51
CA VAL A 397 -27.55 -31.09 21.99
C VAL A 397 -28.27 -32.14 21.17
N PHE A 398 -29.34 -31.72 20.50
CA PHE A 398 -30.25 -32.64 19.83
C PHE A 398 -30.20 -32.44 18.31
N THR A 399 -30.05 -31.18 17.89
CA THR A 399 -30.06 -30.84 16.47
C THR A 399 -28.71 -31.13 15.84
N LEU A 400 -27.63 -30.87 16.57
CA LEU A 400 -26.29 -31.21 16.11
C LEU A 400 -26.06 -32.71 16.14
N SER A 401 -25.54 -33.24 15.03
CA SER A 401 -25.23 -34.66 14.95
C SER A 401 -23.83 -34.89 15.50
N GLY A 402 -23.64 -36.03 16.16
CA GLY A 402 -22.38 -36.34 16.80
C GLY A 402 -22.59 -36.86 18.20
N PRO A 403 -21.52 -36.89 19.01
CA PRO A 403 -21.62 -37.39 20.38
C PRO A 403 -21.85 -36.27 21.39
N GLY A 404 -22.99 -36.30 22.08
CA GLY A 404 -23.33 -35.28 23.06
C GLY A 404 -22.59 -35.50 24.36
N PRO A 405 -22.98 -34.77 25.42
CA PRO A 405 -22.33 -34.84 26.73
C PRO A 405 -22.79 -36.07 27.50
N LEU A 406 -23.73 -36.80 26.91
CA LEU A 406 -24.20 -38.07 27.44
C LEU A 406 -23.12 -39.14 27.42
N SER A 407 -22.11 -38.95 26.58
CA SER A 407 -21.06 -39.95 26.44
C SER A 407 -20.14 -40.06 27.66
N LEU A 408 -19.72 -38.92 28.21
CA LEU A 408 -18.87 -38.94 29.40
C LEU A 408 -19.75 -38.99 30.66
N ASN B 6 26.70 16.31 9.07
CA ASN B 6 25.52 17.17 9.12
C ASN B 6 24.24 16.36 9.06
N THR B 7 23.28 16.71 9.92
CA THR B 7 22.10 15.86 10.15
C THR B 7 21.16 15.78 8.95
N ASN B 8 20.76 16.92 8.42
CA ASN B 8 19.80 16.99 7.33
C ASN B 8 20.37 16.35 6.07
N PHE B 9 21.67 16.57 5.84
CA PHE B 9 22.36 16.05 4.65
C PHE B 9 22.17 14.55 4.49
N TRP B 10 22.43 13.82 5.57
CA TRP B 10 22.44 12.36 5.50
C TRP B 10 21.04 11.79 5.39
N MET B 11 20.08 12.47 6.03
CA MET B 11 18.69 12.01 6.00
C MET B 11 18.10 12.16 4.61
N PHE B 12 18.19 13.37 4.06
CA PHE B 12 17.65 13.64 2.74
C PHE B 12 18.55 13.07 1.65
N GLY B 13 19.77 12.70 2.01
CA GLY B 13 20.65 12.01 1.09
C GLY B 13 20.22 10.56 0.98
N LEU B 14 19.84 9.99 2.11
CA LEU B 14 19.32 8.63 2.13
C LEU B 14 17.89 8.61 1.60
N PHE B 15 17.24 9.77 1.68
CA PHE B 15 15.89 9.93 1.15
C PHE B 15 15.88 9.75 -0.37
N PHE B 16 16.82 10.42 -1.05
CA PHE B 16 17.01 10.25 -2.47
C PHE B 16 17.30 8.80 -2.84
N PHE B 17 18.13 8.16 -2.01
CA PHE B 17 18.58 6.79 -2.27
C PHE B 17 17.40 5.84 -2.44
N PHE B 18 16.41 5.96 -1.56
CA PHE B 18 15.29 5.02 -1.57
C PHE B 18 14.12 5.50 -2.43
N TYR B 19 14.00 6.81 -2.63
CA TYR B 19 12.97 7.29 -3.56
C TYR B 19 13.31 6.88 -4.97
N PHE B 20 14.56 7.07 -5.36
CA PHE B 20 14.96 6.78 -6.73
C PHE B 20 15.16 5.28 -6.89
N PHE B 21 15.42 4.60 -5.78
CA PHE B 21 15.44 3.15 -5.78
C PHE B 21 14.06 2.60 -6.14
N ILE B 22 13.01 3.18 -5.56
CA ILE B 22 11.65 2.69 -5.77
C ILE B 22 11.09 3.10 -7.12
N MET B 23 11.66 4.16 -7.69
CA MET B 23 11.37 4.58 -9.06
C MET B 23 12.26 3.83 -10.05
N GLY B 24 13.34 3.22 -9.56
CA GLY B 24 14.28 2.53 -10.42
C GLY B 24 13.79 1.15 -10.82
N ALA B 25 12.80 0.64 -10.09
CA ALA B 25 12.15 -0.60 -10.47
C ALA B 25 11.13 -0.31 -11.58
N TYR B 26 10.50 0.85 -11.48
CA TYR B 26 9.39 1.22 -12.35
C TYR B 26 9.81 1.77 -13.72
N PHE B 27 10.81 2.65 -13.74
CA PHE B 27 10.94 3.55 -14.89
C PHE B 27 11.86 3.09 -16.02
N PRO B 28 13.15 2.85 -15.73
CA PRO B 28 14.13 2.70 -16.80
C PRO B 28 13.94 1.40 -17.58
N PHE B 29 13.01 0.57 -17.11
CA PHE B 29 12.70 -0.67 -17.78
C PHE B 29 11.21 -0.79 -18.03
N PHE B 30 10.51 0.33 -17.99
CA PHE B 30 9.05 0.30 -18.07
C PHE B 30 8.59 -0.37 -19.37
N PRO B 31 9.20 -0.03 -20.52
CA PRO B 31 8.73 -0.61 -21.78
C PRO B 31 8.89 -2.14 -21.83
N ILE B 32 9.95 -2.64 -21.20
CA ILE B 32 10.16 -4.07 -21.08
C ILE B 32 9.02 -4.68 -20.25
N TRP B 33 8.66 -3.99 -19.17
CA TRP B 33 7.66 -4.50 -18.24
C TRP B 33 6.28 -4.73 -18.87
N LEU B 34 5.75 -3.78 -19.62
CA LEU B 34 4.42 -3.99 -20.17
C LEU B 34 4.37 -5.05 -21.26
N HIS B 35 5.33 -5.04 -22.18
CA HIS B 35 5.31 -6.02 -23.26
C HIS B 35 5.74 -7.42 -22.84
N ASP B 36 6.92 -7.57 -22.25
CA ASP B 36 7.48 -8.91 -22.08
C ASP B 36 6.85 -9.66 -20.91
N ILE B 37 6.98 -9.14 -19.69
CA ILE B 37 6.55 -9.88 -18.52
C ILE B 37 5.07 -9.60 -18.20
N ASN B 38 4.46 -8.69 -18.94
CA ASN B 38 3.04 -8.40 -18.78
C ASN B 38 2.24 -8.45 -20.08
N HIS B 39 2.92 -8.78 -21.17
CA HIS B 39 2.27 -9.15 -22.43
C HIS B 39 1.30 -8.10 -23.02
N ILE B 40 1.80 -6.89 -23.26
CA ILE B 40 0.99 -5.82 -23.86
C ILE B 40 1.46 -5.50 -25.27
N SER B 41 0.53 -5.52 -26.23
CA SER B 41 0.88 -5.29 -27.63
C SER B 41 1.43 -3.87 -27.81
N LYS B 42 2.34 -3.71 -28.77
CA LYS B 42 3.06 -2.46 -28.92
C LYS B 42 2.34 -1.42 -29.77
N SER B 43 1.08 -1.68 -30.12
CA SER B 43 0.22 -0.66 -30.71
C SER B 43 -0.70 -0.07 -29.65
N ASP B 44 -0.41 -0.42 -28.41
CA ASP B 44 -1.24 -0.03 -27.27
C ASP B 44 -0.39 0.46 -26.10
N THR B 45 0.91 0.23 -26.17
CA THR B 45 1.83 0.69 -25.12
C THR B 45 1.95 2.21 -25.17
N TRP B 46 1.43 2.81 -26.23
CA TRP B 46 1.41 4.27 -26.36
C TRP B 46 0.27 4.86 -25.54
N ILE B 47 -0.68 4.02 -25.13
CA ILE B 47 -1.83 4.50 -24.40
C ILE B 47 -1.53 4.55 -22.92
N ILE B 48 -0.66 3.66 -22.48
CA ILE B 48 -0.23 3.62 -21.10
C ILE B 48 0.60 4.87 -20.80
N PHE B 49 1.54 5.18 -21.69
CA PHE B 49 2.36 6.37 -21.53
C PHE B 49 1.55 7.64 -21.71
N ALA B 50 0.43 7.54 -22.42
CA ALA B 50 -0.37 8.71 -22.74
C ALA B 50 -1.20 9.20 -21.57
N ALA B 51 -1.26 8.40 -20.51
CA ALA B 51 -2.04 8.78 -19.33
C ALA B 51 -1.11 9.05 -18.16
N ILE B 52 0.07 8.45 -18.18
CA ILE B 52 1.11 8.80 -17.23
C ILE B 52 1.63 10.22 -17.53
N SER B 53 1.41 10.68 -18.76
CA SER B 53 1.85 12.02 -19.17
C SER B 53 0.67 12.98 -19.33
N LEU B 54 -0.49 12.58 -18.86
CA LEU B 54 -1.66 13.46 -18.91
C LEU B 54 -2.01 13.92 -17.51
N PHE B 55 -1.82 13.04 -16.54
CA PHE B 55 -2.09 13.38 -15.16
C PHE B 55 -0.90 14.13 -14.58
N SER B 56 0.22 14.07 -15.30
CA SER B 56 1.40 14.82 -14.90
C SER B 56 1.19 16.29 -15.21
N LEU B 57 0.20 16.58 -16.05
CA LEU B 57 -0.03 17.93 -16.52
C LEU B 57 -1.01 18.64 -15.59
N LEU B 58 -1.79 17.85 -14.86
CA LEU B 58 -2.72 18.43 -13.89
C LEU B 58 -2.10 18.43 -12.51
N PHE B 59 -1.00 17.70 -12.34
CA PHE B 59 -0.38 17.59 -11.03
C PHE B 59 0.84 18.47 -10.86
N GLN B 60 1.63 18.59 -11.92
CA GLN B 60 2.91 19.28 -11.84
C GLN B 60 2.81 20.77 -11.48
N PRO B 61 1.84 21.48 -12.07
CA PRO B 61 1.68 22.89 -11.65
C PRO B 61 1.14 22.99 -10.24
N LEU B 62 0.17 22.13 -9.93
CA LEU B 62 -0.47 22.08 -8.62
C LEU B 62 0.53 21.73 -7.52
N PHE B 63 1.55 20.95 -7.87
CA PHE B 63 2.57 20.55 -6.91
C PHE B 63 3.55 21.66 -6.66
N GLY B 64 3.65 22.58 -7.62
CA GLY B 64 4.59 23.68 -7.50
C GLY B 64 4.02 24.68 -6.51
N LEU B 65 2.73 24.94 -6.66
CA LEU B 65 2.04 25.89 -5.83
C LEU B 65 1.97 25.39 -4.37
N LEU B 66 1.64 24.11 -4.19
CA LEU B 66 1.67 23.52 -2.85
C LEU B 66 3.07 23.47 -2.25
N SER B 67 4.05 23.16 -3.08
CA SER B 67 5.40 22.90 -2.58
C SER B 67 6.05 24.20 -2.16
N ASP B 68 5.48 25.32 -2.62
CA ASP B 68 5.91 26.63 -2.14
C ASP B 68 5.04 27.09 -0.96
N LYS B 69 3.74 26.88 -1.07
CA LYS B 69 2.80 27.30 -0.03
C LYS B 69 3.11 26.59 1.29
N LEU B 70 3.46 25.32 1.19
CA LEU B 70 3.90 24.54 2.35
C LEU B 70 5.28 24.99 2.79
N GLY B 71 6.04 25.55 1.86
CA GLY B 71 7.40 25.99 2.12
C GLY B 71 8.34 24.85 2.51
N LEU B 72 8.89 24.94 3.72
CA LEU B 72 9.87 23.96 4.17
C LEU B 72 9.23 22.93 5.09
N ARG B 73 7.91 22.98 5.17
CA ARG B 73 7.13 21.98 5.87
C ARG B 73 7.10 20.66 5.11
N LYS B 74 7.06 19.55 5.85
CA LYS B 74 7.25 18.23 5.29
C LYS B 74 5.92 17.67 4.81
N TYR B 75 4.94 18.55 4.70
CA TYR B 75 3.55 18.17 4.47
C TYR B 75 3.33 17.40 3.18
N LEU B 76 3.80 17.95 2.07
CA LEU B 76 3.52 17.35 0.77
C LEU B 76 4.23 16.03 0.57
N LEU B 77 5.37 15.85 1.24
CA LEU B 77 6.15 14.64 1.08
C LEU B 77 5.60 13.49 1.93
N TRP B 78 4.76 13.81 2.90
CA TRP B 78 4.08 12.76 3.65
C TRP B 78 3.01 12.10 2.76
N ILE B 79 2.33 12.91 1.95
CA ILE B 79 1.37 12.37 0.98
C ILE B 79 2.07 11.51 -0.07
N ILE B 80 3.17 12.02 -0.62
CA ILE B 80 3.91 11.26 -1.62
C ILE B 80 4.42 9.93 -1.06
N THR B 81 5.07 9.97 0.10
CA THR B 81 5.63 8.78 0.75
C THR B 81 4.55 7.83 1.23
N GLY B 82 3.34 8.35 1.39
CA GLY B 82 2.22 7.54 1.78
C GLY B 82 1.76 6.69 0.63
N MET B 83 1.71 7.28 -0.56
CA MET B 83 1.25 6.56 -1.73
C MET B 83 2.28 5.55 -2.22
N LEU B 84 3.54 5.77 -1.86
CA LEU B 84 4.62 4.90 -2.31
C LEU B 84 4.59 3.56 -1.57
N VAL B 85 3.84 3.50 -0.48
CA VAL B 85 3.65 2.26 0.25
C VAL B 85 2.75 1.31 -0.54
N MET B 86 1.84 1.88 -1.34
CA MET B 86 0.93 1.09 -2.17
C MET B 86 1.62 0.58 -3.42
N PHE B 87 2.95 0.70 -3.45
CA PHE B 87 3.72 0.41 -4.64
C PHE B 87 3.62 -1.06 -5.04
N ALA B 88 3.77 -1.95 -4.07
CA ALA B 88 3.78 -3.38 -4.39
C ALA B 88 2.43 -3.83 -4.93
N PRO B 89 1.34 -3.58 -4.20
CA PRO B 89 0.05 -4.10 -4.65
C PRO B 89 -0.51 -3.33 -5.83
N PHE B 90 0.12 -2.22 -6.18
CA PHE B 90 -0.27 -1.48 -7.37
C PHE B 90 0.16 -2.22 -8.63
N PHE B 91 1.46 -2.45 -8.74
CA PHE B 91 2.02 -3.11 -9.91
C PHE B 91 1.66 -4.58 -9.98
N ILE B 92 1.70 -5.26 -8.84
CA ILE B 92 1.52 -6.71 -8.81
C ILE B 92 0.06 -7.15 -8.90
N PHE B 93 -0.84 -6.41 -8.25
CA PHE B 93 -2.22 -6.89 -8.08
C PHE B 93 -3.28 -5.99 -8.69
N ILE B 94 -2.92 -4.75 -9.00
CA ILE B 94 -3.89 -3.79 -9.50
C ILE B 94 -3.65 -3.43 -10.95
N PHE B 95 -2.53 -2.74 -11.17
CA PHE B 95 -2.16 -2.23 -12.48
C PHE B 95 -2.04 -3.35 -13.49
N GLY B 96 -1.32 -4.41 -13.10
CA GLY B 96 -1.13 -5.58 -13.93
C GLY B 96 -2.40 -6.15 -14.56
N PRO B 97 -3.32 -6.67 -13.73
CA PRO B 97 -4.53 -7.32 -14.24
C PRO B 97 -5.54 -6.35 -14.83
N LEU B 98 -5.36 -5.07 -14.52
CA LEU B 98 -6.26 -4.04 -15.00
C LEU B 98 -5.97 -3.75 -16.47
N LEU B 99 -4.69 -3.82 -16.82
CA LEU B 99 -4.27 -3.52 -18.17
C LEU B 99 -4.72 -4.59 -19.18
N GLN B 100 -4.48 -5.85 -18.83
CA GLN B 100 -4.79 -6.97 -19.71
C GLN B 100 -6.27 -7.35 -19.82
N TYR B 101 -6.85 -7.79 -18.72
CA TYR B 101 -8.17 -8.43 -18.74
C TYR B 101 -9.27 -7.44 -19.11
N ASN B 102 -9.36 -6.33 -18.37
CA ASN B 102 -10.29 -5.27 -18.72
C ASN B 102 -9.57 -4.16 -19.48
N ILE B 103 -10.32 -3.26 -20.07
CA ILE B 103 -9.80 -2.32 -21.06
C ILE B 103 -8.66 -1.44 -20.53
N LEU B 104 -7.70 -1.14 -21.40
CA LEU B 104 -6.55 -0.33 -21.05
C LEU B 104 -6.95 1.07 -20.64
N VAL B 105 -8.05 1.57 -21.21
CA VAL B 105 -8.56 2.89 -20.89
C VAL B 105 -8.92 2.97 -19.41
N GLY B 106 -9.44 1.87 -18.89
CA GLY B 106 -9.79 1.80 -17.48
C GLY B 106 -8.60 1.50 -16.59
N SER B 107 -7.41 1.33 -17.18
CA SER B 107 -6.25 0.99 -16.37
C SER B 107 -5.10 1.98 -16.50
N ILE B 108 -5.15 2.85 -17.51
CA ILE B 108 -4.12 3.88 -17.62
C ILE B 108 -4.59 5.07 -16.81
N VAL B 109 -5.86 5.02 -16.46
CA VAL B 109 -6.42 5.99 -15.53
C VAL B 109 -6.17 5.45 -14.13
N GLY B 110 -5.74 4.19 -14.05
CA GLY B 110 -5.14 3.66 -12.85
C GLY B 110 -3.67 4.03 -12.92
N GLY B 111 -3.31 4.70 -14.02
CA GLY B 111 -1.99 5.28 -14.22
C GLY B 111 -1.96 6.71 -13.67
N ILE B 112 -3.01 7.05 -12.93
CA ILE B 112 -3.05 8.26 -12.11
C ILE B 112 -2.00 8.21 -11.01
N TYR B 113 -1.84 7.03 -10.43
CA TYR B 113 -0.90 6.79 -9.34
C TYR B 113 0.52 7.20 -9.64
N LEU B 114 1.04 6.71 -10.76
CA LEU B 114 2.44 6.94 -11.11
C LEU B 114 2.64 8.31 -11.73
N GLY B 115 1.53 8.93 -12.10
CA GLY B 115 1.56 10.31 -12.53
C GLY B 115 1.80 11.18 -11.32
N PHE B 116 1.21 10.78 -10.20
CA PHE B 116 1.29 11.53 -8.95
C PHE B 116 2.65 11.35 -8.28
N CYS B 117 3.03 10.10 -8.06
CA CYS B 117 4.21 9.78 -7.28
C CYS B 117 5.52 10.14 -7.99
N PHE B 118 5.59 9.84 -9.29
CA PHE B 118 6.87 9.76 -9.99
C PHE B 118 7.05 10.84 -11.05
N ASN B 119 6.16 10.84 -12.04
CA ASN B 119 6.24 11.81 -13.12
C ASN B 119 6.03 13.23 -12.64
N ALA B 120 5.17 13.40 -11.63
CA ALA B 120 4.90 14.71 -11.08
C ALA B 120 5.29 14.85 -9.61
N GLY B 121 5.93 13.81 -9.06
CA GLY B 121 6.26 13.83 -7.65
C GLY B 121 7.76 13.77 -7.38
N ALA B 122 8.49 13.14 -8.30
CA ALA B 122 9.94 13.08 -8.22
C ALA B 122 10.56 14.47 -8.29
N PRO B 123 10.07 15.32 -9.21
CA PRO B 123 10.67 16.65 -9.32
C PRO B 123 10.29 17.52 -8.13
N ALA B 124 9.20 17.16 -7.47
CA ALA B 124 8.73 17.88 -6.29
C ALA B 124 9.54 17.50 -5.07
N VAL B 125 10.15 16.32 -5.11
CA VAL B 125 11.01 15.85 -4.03
C VAL B 125 12.38 16.51 -4.13
N GLU B 126 12.88 16.61 -5.35
CA GLU B 126 14.11 17.35 -5.60
C GLU B 126 13.93 18.80 -5.16
N ALA B 127 12.79 19.37 -5.54
CA ALA B 127 12.51 20.78 -5.32
C ALA B 127 12.48 21.10 -3.84
N PHE B 128 11.83 20.24 -3.08
CA PHE B 128 11.79 20.41 -1.63
C PHE B 128 13.17 20.24 -0.99
N ILE B 129 13.93 19.25 -1.45
CA ILE B 129 15.23 18.98 -0.84
C ILE B 129 16.24 20.08 -1.12
N GLU B 130 16.09 20.78 -2.24
CA GLU B 130 16.95 21.91 -2.53
C GLU B 130 16.66 23.04 -1.53
N LYS B 131 15.38 23.22 -1.22
CA LYS B 131 14.96 24.23 -0.26
C LYS B 131 15.63 24.01 1.08
N VAL B 132 15.69 22.76 1.52
CA VAL B 132 16.38 22.41 2.75
C VAL B 132 17.86 22.71 2.63
N SER B 133 18.36 22.62 1.39
CA SER B 133 19.77 22.83 1.10
C SER B 133 20.24 24.26 1.36
N ARG B 134 19.29 25.18 1.51
CA ARG B 134 19.68 26.57 1.77
C ARG B 134 19.06 27.10 3.06
N ARG B 135 18.76 26.18 3.98
CA ARG B 135 18.50 26.52 5.37
C ARG B 135 19.55 25.81 6.19
N SER B 136 20.02 24.70 5.65
CA SER B 136 21.28 24.09 6.08
C SER B 136 22.39 24.55 5.14
N ASN B 137 23.58 23.96 5.25
CA ASN B 137 24.71 24.41 4.46
C ASN B 137 25.14 23.40 3.39
N PHE B 138 24.51 22.22 3.37
CA PHE B 138 24.89 21.21 2.39
C PHE B 138 24.56 21.64 0.96
N GLU B 139 25.16 20.96 -0.01
CA GLU B 139 25.02 21.32 -1.42
C GLU B 139 24.02 20.37 -2.06
N PHE B 140 23.09 20.90 -2.85
CA PHE B 140 22.02 20.05 -3.40
C PHE B 140 22.60 18.85 -4.16
N GLY B 141 23.75 19.05 -4.77
CA GLY B 141 24.38 18.02 -5.57
C GLY B 141 24.97 16.88 -4.75
N ARG B 142 25.49 17.22 -3.58
CA ARG B 142 26.00 16.22 -2.65
C ARG B 142 24.89 15.35 -2.09
N ALA B 143 23.65 15.84 -2.16
CA ALA B 143 22.54 15.08 -1.63
C ALA B 143 21.86 14.32 -2.76
N ARG B 144 21.86 14.93 -3.93
CA ARG B 144 21.17 14.38 -5.09
C ARG B 144 21.98 13.25 -5.71
N MET B 145 23.29 13.28 -5.49
CA MET B 145 24.19 12.26 -6.01
C MET B 145 23.86 10.88 -5.44
N PHE B 146 23.13 10.83 -4.33
CA PHE B 146 22.67 9.55 -3.78
C PHE B 146 21.61 8.93 -4.66
N GLY B 147 20.78 9.77 -5.27
CA GLY B 147 19.72 9.30 -6.13
C GLY B 147 20.20 8.41 -7.25
N CYS B 148 21.37 8.75 -7.79
CA CYS B 148 21.94 8.01 -8.91
C CYS B 148 22.39 6.61 -8.49
N VAL B 149 23.00 6.50 -7.32
CA VAL B 149 23.47 5.21 -6.84
C VAL B 149 22.27 4.38 -6.36
N GLY B 150 21.26 5.06 -5.83
CA GLY B 150 20.00 4.39 -5.51
C GLY B 150 19.33 3.93 -6.78
N TRP B 151 19.48 4.71 -7.85
CA TRP B 151 18.99 4.32 -9.16
C TRP B 151 19.75 3.12 -9.69
N ALA B 152 21.06 3.10 -9.46
CA ALA B 152 21.91 2.05 -10.01
C ALA B 152 21.66 0.68 -9.36
N LEU B 153 21.53 0.65 -8.04
CA LEU B 153 21.34 -0.60 -7.29
C LEU B 153 20.08 -1.35 -7.73
N CYS B 154 18.95 -0.65 -7.75
CA CYS B 154 17.70 -1.22 -8.22
C CYS B 154 17.81 -1.68 -9.68
N ALA B 155 18.60 -0.96 -10.47
CA ALA B 155 18.79 -1.30 -11.88
C ALA B 155 19.36 -2.70 -12.01
N SER B 156 20.31 -3.02 -11.14
CA SER B 156 20.92 -4.35 -11.06
C SER B 156 19.91 -5.42 -10.66
N ILE B 157 19.22 -5.18 -9.56
CA ILE B 157 18.31 -6.15 -8.96
C ILE B 157 17.14 -6.51 -9.87
N VAL B 158 16.70 -5.54 -10.65
CA VAL B 158 15.66 -5.76 -11.65
C VAL B 158 16.08 -6.80 -12.68
N GLY B 159 17.31 -6.67 -13.17
CA GLY B 159 17.79 -7.50 -14.26
C GLY B 159 18.19 -8.92 -13.90
N ILE B 160 18.91 -9.08 -12.80
CA ILE B 160 19.30 -10.40 -12.33
C ILE B 160 18.07 -11.26 -12.00
N MET B 161 17.03 -10.60 -11.50
CA MET B 161 15.79 -11.25 -11.06
C MET B 161 14.66 -11.22 -12.09
N PHE B 162 14.96 -10.88 -13.34
CA PHE B 162 13.91 -10.67 -14.34
C PHE B 162 13.26 -11.99 -14.83
N THR B 163 13.99 -13.09 -14.73
CA THR B 163 13.46 -14.39 -15.14
C THR B 163 13.12 -15.32 -13.95
N ILE B 164 13.44 -14.89 -12.73
CA ILE B 164 13.24 -15.73 -11.55
C ILE B 164 11.90 -15.49 -10.84
N ASN B 165 11.71 -14.26 -10.39
CA ASN B 165 10.46 -13.80 -9.81
C ASN B 165 10.43 -12.30 -9.96
N ASN B 166 9.80 -11.84 -11.03
CA ASN B 166 9.93 -10.46 -11.49
C ASN B 166 9.12 -9.49 -10.65
N GLN B 167 8.35 -10.04 -9.71
CA GLN B 167 7.52 -9.26 -8.81
C GLN B 167 8.28 -8.85 -7.55
N PHE B 168 9.44 -9.45 -7.33
CA PHE B 168 10.20 -9.23 -6.10
C PHE B 168 10.56 -7.77 -5.89
N VAL B 169 10.97 -7.10 -6.96
CA VAL B 169 11.44 -5.73 -6.86
C VAL B 169 10.32 -4.82 -6.38
N PHE B 170 9.11 -5.07 -6.87
CA PHE B 170 7.95 -4.32 -6.43
C PHE B 170 7.67 -4.59 -4.94
N TRP B 171 7.74 -5.85 -4.53
CA TRP B 171 7.57 -6.17 -3.11
C TRP B 171 8.63 -5.49 -2.27
N LEU B 172 9.87 -5.49 -2.77
CA LEU B 172 10.98 -4.87 -2.07
C LEU B 172 10.76 -3.36 -2.09
N GLY B 173 10.25 -2.88 -3.21
CA GLY B 173 9.94 -1.48 -3.39
C GLY B 173 9.12 -0.82 -2.29
N SER B 174 8.00 -1.44 -1.92
CA SER B 174 7.13 -0.87 -0.89
C SER B 174 7.85 -0.73 0.44
N GLY B 175 8.75 -1.67 0.74
CA GLY B 175 9.55 -1.58 1.94
C GLY B 175 10.43 -0.34 1.92
N CYS B 176 10.74 0.16 0.73
CA CYS B 176 11.58 1.34 0.61
C CYS B 176 10.77 2.58 0.91
N ALA B 177 9.46 2.47 0.76
CA ALA B 177 8.56 3.58 1.07
C ALA B 177 8.49 3.81 2.58
N LEU B 178 8.53 2.72 3.35
CA LEU B 178 8.40 2.85 4.79
C LEU B 178 9.70 3.29 5.44
N ILE B 179 10.82 2.81 4.91
CA ILE B 179 12.12 3.28 5.37
C ILE B 179 12.22 4.77 5.05
N LEU B 180 11.57 5.16 3.97
CA LEU B 180 11.54 6.54 3.52
C LEU B 180 10.73 7.40 4.50
N ALA B 181 9.75 6.79 5.15
CA ALA B 181 8.97 7.47 6.18
C ALA B 181 9.83 7.80 7.41
N VAL B 182 10.71 6.88 7.77
CA VAL B 182 11.56 7.03 8.96
C VAL B 182 12.38 8.31 8.97
N LEU B 183 13.23 8.49 7.96
CA LEU B 183 14.13 9.65 7.94
C LEU B 183 13.40 10.95 7.64
N LEU B 184 12.23 10.86 7.02
CA LEU B 184 11.44 12.05 6.70
C LEU B 184 10.95 12.63 8.02
N PHE B 185 10.56 11.74 8.93
CA PHE B 185 10.18 12.15 10.29
C PHE B 185 11.37 12.73 11.04
N PHE B 186 12.47 11.98 11.06
CA PHE B 186 13.66 12.32 11.81
C PHE B 186 14.31 13.60 11.25
N ALA B 187 14.11 13.85 9.96
CA ALA B 187 14.57 15.08 9.32
C ALA B 187 13.93 16.32 9.95
N LYS B 188 14.69 17.42 9.97
CA LYS B 188 14.27 18.64 10.62
C LYS B 188 14.16 19.79 9.61
N ALA B 207 7.53 32.65 1.53
CA ALA B 207 6.18 33.16 1.72
C ALA B 207 5.70 33.90 0.47
N PHE B 208 4.83 33.27 -0.31
CA PHE B 208 4.50 33.79 -1.63
C PHE B 208 3.07 34.29 -1.66
N SER B 209 2.53 34.43 -2.87
CA SER B 209 1.09 34.52 -3.05
C SER B 209 0.75 33.97 -4.43
N LEU B 210 -0.49 33.54 -4.61
CA LEU B 210 -0.87 32.84 -5.83
C LEU B 210 -0.90 33.81 -7.01
N LYS B 211 -0.98 35.09 -6.68
CA LYS B 211 -0.95 36.15 -7.70
C LYS B 211 0.46 36.62 -8.06
N LEU B 212 1.40 36.53 -7.13
CA LEU B 212 2.79 36.82 -7.48
C LEU B 212 3.37 35.68 -8.29
N ALA B 213 2.87 34.48 -8.03
CA ALA B 213 3.30 33.30 -8.75
C ALA B 213 2.90 33.41 -10.21
N LEU B 214 1.72 33.97 -10.44
CA LEU B 214 1.20 34.10 -11.79
C LEU B 214 1.87 35.23 -12.56
N GLU B 215 2.56 36.13 -11.84
CA GLU B 215 3.38 37.14 -12.51
C GLU B 215 4.55 36.54 -13.28
N LEU B 216 5.12 35.47 -12.75
CA LEU B 216 6.29 34.87 -13.34
C LEU B 216 6.01 34.44 -14.78
N PHE B 217 4.73 34.20 -15.07
CA PHE B 217 4.32 33.74 -16.40
C PHE B 217 4.29 34.96 -17.31
N ARG B 218 4.52 36.13 -16.73
CA ARG B 218 4.59 37.34 -17.52
C ARG B 218 5.97 37.96 -17.40
N GLN B 219 6.81 37.40 -16.54
CA GLN B 219 8.22 37.76 -16.51
C GLN B 219 8.92 37.15 -17.72
N PRO B 220 9.65 37.96 -18.50
CA PRO B 220 10.12 37.43 -19.78
C PRO B 220 11.43 36.68 -19.64
N LYS B 221 11.99 36.65 -18.43
CA LYS B 221 13.17 35.87 -18.17
C LYS B 221 12.73 34.44 -17.90
N LEU B 222 11.46 34.29 -17.57
CA LEU B 222 10.87 32.96 -17.46
C LEU B 222 10.62 32.42 -18.87
N TRP B 223 10.16 33.28 -19.77
CA TRP B 223 9.91 32.83 -21.14
C TRP B 223 11.16 32.33 -21.85
N PHE B 224 12.31 32.88 -21.48
CA PHE B 224 13.54 32.51 -22.15
C PHE B 224 14.13 31.27 -21.52
N LEU B 225 13.86 31.09 -20.24
CA LEU B 225 14.22 29.84 -19.57
C LEU B 225 13.36 28.72 -20.14
N SER B 226 12.07 28.98 -20.29
CA SER B 226 11.15 27.98 -20.82
C SER B 226 11.40 27.76 -22.31
N LEU B 227 11.92 28.78 -22.98
CA LEU B 227 12.32 28.62 -24.37
C LEU B 227 13.44 27.60 -24.45
N TYR B 228 14.39 27.73 -23.53
CA TYR B 228 15.51 26.79 -23.41
C TYR B 228 15.04 25.35 -23.15
N VAL B 229 13.95 25.20 -22.39
CA VAL B 229 13.45 23.89 -22.02
C VAL B 229 12.67 23.22 -23.15
N ILE B 230 11.75 23.95 -23.76
CA ILE B 230 11.04 23.44 -24.93
C ILE B 230 12.03 23.17 -26.05
N GLY B 231 13.08 23.98 -26.13
CA GLY B 231 14.05 23.82 -27.19
C GLY B 231 15.02 22.68 -27.02
N VAL B 232 15.82 22.74 -25.96
CA VAL B 232 16.91 21.78 -25.79
C VAL B 232 16.47 20.52 -25.06
N SER B 233 15.77 20.68 -23.95
CA SER B 233 15.51 19.57 -23.04
C SER B 233 14.30 18.75 -23.47
N CYS B 234 13.30 19.41 -24.03
CA CYS B 234 12.14 18.70 -24.56
C CYS B 234 12.55 17.79 -25.70
N THR B 235 13.38 18.31 -26.58
CA THR B 235 13.87 17.56 -27.72
C THR B 235 14.71 16.37 -27.29
N TYR B 236 15.42 16.53 -26.17
CA TYR B 236 16.34 15.52 -25.68
C TYR B 236 15.60 14.28 -25.15
N ASP B 237 14.45 14.48 -24.51
CA ASP B 237 13.73 13.38 -23.85
C ASP B 237 12.84 12.57 -24.79
N VAL B 238 12.51 13.14 -25.95
CA VAL B 238 11.86 12.35 -27.00
C VAL B 238 12.92 11.53 -27.71
N PHE B 239 14.12 12.09 -27.71
CA PHE B 239 15.29 11.41 -28.25
C PHE B 239 15.63 10.17 -27.44
N ASP B 240 15.50 10.25 -26.12
CA ASP B 240 15.88 9.12 -25.27
C ASP B 240 14.67 8.22 -24.98
N GLN B 241 13.54 8.52 -25.62
CA GLN B 241 12.34 7.71 -25.52
C GLN B 241 12.54 6.40 -26.27
N GLN B 242 12.82 6.50 -27.57
CA GLN B 242 12.88 5.33 -28.43
C GLN B 242 14.34 5.06 -28.80
N PHE B 243 15.23 5.48 -27.90
CA PHE B 243 16.65 5.21 -28.03
C PHE B 243 17.01 3.74 -27.79
N ALA B 244 16.20 3.06 -26.99
CA ALA B 244 16.44 1.65 -26.67
C ALA B 244 16.39 0.74 -27.90
N ASN B 245 15.41 1.00 -28.77
CA ASN B 245 15.30 0.25 -30.02
C ASN B 245 16.44 0.58 -30.97
N PHE B 246 16.92 1.81 -30.88
CA PHE B 246 18.04 2.29 -31.69
C PHE B 246 19.37 1.66 -31.24
N PHE B 247 19.48 1.42 -29.93
CA PHE B 247 20.73 0.96 -29.34
C PHE B 247 21.12 -0.45 -29.80
N THR B 248 20.15 -1.35 -29.83
CA THR B 248 20.39 -2.76 -30.13
C THR B 248 20.87 -3.01 -31.56
N SER B 249 20.44 -2.15 -32.49
CA SER B 249 20.64 -2.37 -33.93
C SER B 249 22.12 -2.41 -34.33
N PHE B 250 22.97 -1.71 -33.59
CA PHE B 250 24.39 -1.64 -33.91
C PHE B 250 25.11 -2.79 -33.25
N PHE B 251 24.31 -3.71 -32.72
CA PHE B 251 24.79 -5.03 -32.34
C PHE B 251 24.26 -6.02 -33.37
N ALA B 252 24.97 -7.13 -33.53
CA ALA B 252 24.58 -8.14 -34.51
C ALA B 252 23.23 -8.76 -34.15
N THR B 253 23.06 -9.09 -32.87
CA THR B 253 21.81 -9.64 -32.37
C THR B 253 21.17 -8.71 -31.33
N GLY B 254 19.84 -8.61 -31.40
CA GLY B 254 19.06 -7.84 -30.44
C GLY B 254 19.28 -8.21 -28.97
N GLU B 255 19.30 -9.51 -28.69
CA GLU B 255 19.43 -10.00 -27.32
C GLU B 255 20.76 -9.59 -26.69
N GLN B 256 21.84 -9.69 -27.45
CA GLN B 256 23.17 -9.33 -26.95
C GLN B 256 23.22 -7.83 -26.66
N GLY B 257 22.47 -7.06 -27.44
CA GLY B 257 22.33 -5.64 -27.21
C GLY B 257 21.52 -5.28 -25.98
N THR B 258 20.45 -6.03 -25.73
CA THR B 258 19.64 -5.82 -24.54
C THR B 258 20.44 -6.07 -23.27
N ARG B 259 21.24 -7.14 -23.28
CA ARG B 259 22.00 -7.56 -22.10
C ARG B 259 23.16 -6.61 -21.82
N VAL B 260 23.57 -5.84 -22.82
CA VAL B 260 24.62 -4.85 -22.60
C VAL B 260 24.04 -3.47 -22.35
N PHE B 261 22.79 -3.27 -22.74
CA PHE B 261 22.10 -2.02 -22.41
C PHE B 261 21.98 -1.97 -20.90
N TRP B 262 21.58 -3.09 -20.32
CA TRP B 262 21.41 -3.19 -18.89
C TRP B 262 22.73 -3.11 -18.14
N TYR B 263 23.82 -3.50 -18.80
CA TYR B 263 25.15 -3.31 -18.23
C TYR B 263 25.54 -1.83 -18.16
N VAL B 264 25.34 -1.12 -19.27
CA VAL B 264 25.68 0.29 -19.35
C VAL B 264 24.82 1.14 -18.43
N THR B 265 23.52 0.89 -18.43
CA THR B 265 22.59 1.67 -17.62
C THR B 265 22.94 1.56 -16.15
N THR B 266 23.16 0.32 -15.69
CA THR B 266 23.56 0.06 -14.31
C THR B 266 24.88 0.75 -14.00
N MET B 267 25.85 0.60 -14.89
CA MET B 267 27.20 1.10 -14.65
C MET B 267 27.30 2.62 -14.71
N GLY B 268 26.71 3.23 -15.74
CA GLY B 268 26.95 4.63 -16.02
C GLY B 268 26.32 5.59 -15.04
N GLU B 269 25.37 5.09 -14.26
CA GLU B 269 24.72 5.89 -13.23
C GLU B 269 25.67 6.07 -12.05
N LEU B 270 26.52 5.07 -11.84
CA LEU B 270 27.59 5.17 -10.85
C LEU B 270 28.52 6.32 -11.21
N LEU B 271 28.83 6.43 -12.49
CA LEU B 271 29.58 7.56 -13.02
C LEU B 271 28.83 8.87 -12.80
N ASN B 272 27.52 8.82 -12.99
CA ASN B 272 26.66 9.99 -12.86
C ASN B 272 26.78 10.60 -11.46
N ALA B 273 26.86 9.74 -10.45
CA ALA B 273 27.07 10.19 -9.09
C ALA B 273 28.46 10.83 -8.91
N SER B 274 29.45 10.27 -9.61
CA SER B 274 30.82 10.80 -9.53
C SER B 274 30.89 12.21 -10.11
N ILE B 275 30.31 12.38 -11.29
CA ILE B 275 30.22 13.69 -11.93
C ILE B 275 29.42 14.64 -11.03
N MET B 276 28.37 14.10 -10.40
CA MET B 276 27.55 14.85 -9.46
C MET B 276 28.35 15.29 -8.23
N PHE B 277 29.37 14.51 -7.89
CA PHE B 277 30.16 14.77 -6.68
C PHE B 277 30.84 16.14 -6.73
N PHE B 278 31.51 16.43 -7.84
CA PHE B 278 32.21 17.70 -7.99
C PHE B 278 31.39 18.73 -8.74
N ALA B 279 30.22 18.31 -9.22
CA ALA B 279 29.35 19.17 -10.02
C ALA B 279 29.08 20.53 -9.37
N PRO B 280 28.60 20.53 -8.11
CA PRO B 280 28.17 21.80 -7.52
C PRO B 280 29.34 22.74 -7.24
N LEU B 281 30.53 22.18 -7.08
CA LEU B 281 31.74 22.99 -6.91
C LEU B 281 32.16 23.59 -8.24
N ILE B 282 32.17 22.77 -9.28
CA ILE B 282 32.44 23.23 -10.63
C ILE B 282 31.42 24.29 -11.07
N ILE B 283 30.14 24.03 -10.83
CA ILE B 283 29.07 24.92 -11.27
C ILE B 283 29.21 26.29 -10.63
N ASN B 284 29.60 26.31 -9.37
CA ASN B 284 29.60 27.55 -8.60
C ASN B 284 30.59 28.57 -9.14
N ARG B 285 31.70 28.13 -9.74
CA ARG B 285 32.66 29.08 -10.28
C ARG B 285 32.28 29.43 -11.71
N ILE B 286 31.81 28.41 -12.42
CA ILE B 286 31.43 28.52 -13.80
C ILE B 286 30.27 29.49 -13.83
N GLY B 287 29.42 29.33 -12.84
CA GLY B 287 28.20 30.09 -12.74
C GLY B 287 27.27 29.14 -13.43
N GLY B 288 26.01 29.14 -13.04
CA GLY B 288 25.07 28.23 -13.63
C GLY B 288 24.77 28.40 -15.10
N LYS B 289 24.64 29.64 -15.53
CA LYS B 289 24.15 29.84 -16.88
C LYS B 289 24.97 28.93 -17.75
N ASN B 290 26.29 29.01 -17.58
CA ASN B 290 27.19 28.09 -18.27
C ASN B 290 26.91 26.63 -17.90
N ALA B 291 26.25 26.44 -16.76
CA ALA B 291 25.89 25.11 -16.31
C ALA B 291 24.79 24.53 -17.20
N LEU B 292 23.82 25.39 -17.55
CA LEU B 292 22.74 24.99 -18.43
C LEU B 292 23.23 24.85 -19.87
N LEU B 293 24.07 25.79 -20.29
CA LEU B 293 24.62 25.76 -21.64
C LEU B 293 25.52 24.54 -21.88
N LEU B 294 26.37 24.23 -20.91
CA LEU B 294 27.27 23.10 -21.03
C LEU B 294 26.48 21.81 -21.10
N ALA B 295 25.39 21.75 -20.35
CA ALA B 295 24.45 20.64 -20.43
C ALA B 295 23.81 20.57 -21.82
N GLY B 296 23.39 21.72 -22.32
CA GLY B 296 22.79 21.80 -23.64
C GLY B 296 23.75 21.38 -24.73
N THR B 297 25.03 21.62 -24.53
CA THR B 297 26.04 21.27 -25.52
C THR B 297 26.28 19.77 -25.53
N ILE B 298 26.46 19.20 -24.35
CA ILE B 298 26.64 17.75 -24.20
C ILE B 298 25.39 17.02 -24.65
N MET B 299 24.24 17.64 -24.40
CA MET B 299 22.96 17.14 -24.89
C MET B 299 22.92 17.10 -26.41
N SER B 300 23.34 18.20 -27.02
CA SER B 300 23.38 18.31 -28.47
C SER B 300 24.39 17.35 -29.09
N VAL B 301 25.56 17.25 -28.48
CA VAL B 301 26.61 16.36 -28.96
C VAL B 301 26.15 14.91 -29.00
N ARG B 302 25.41 14.49 -27.98
CA ARG B 302 24.93 13.11 -27.93
C ARG B 302 23.90 12.82 -29.02
N ILE B 303 23.03 13.79 -29.28
CA ILE B 303 21.93 13.60 -30.22
C ILE B 303 22.38 13.75 -31.67
N ILE B 304 23.37 14.61 -31.89
CA ILE B 304 23.98 14.79 -33.21
C ILE B 304 24.84 13.58 -33.58
N GLY B 305 25.66 13.13 -32.64
CA GLY B 305 26.56 12.02 -32.89
C GLY B 305 25.84 10.70 -33.10
N SER B 306 24.56 10.65 -32.76
CA SER B 306 23.77 9.44 -32.94
C SER B 306 23.33 9.26 -34.39
N SER B 307 23.39 10.34 -35.14
CA SER B 307 23.10 10.29 -36.57
C SER B 307 24.27 9.62 -37.28
N PHE B 308 25.43 9.67 -36.65
CA PHE B 308 26.64 9.11 -37.23
C PHE B 308 26.98 7.75 -36.62
N ALA B 309 25.96 6.98 -36.29
CA ALA B 309 26.18 5.70 -35.63
C ALA B 309 26.35 4.57 -36.65
N THR B 310 27.38 3.76 -36.44
CA THR B 310 27.68 2.65 -37.33
C THR B 310 28.13 1.42 -36.56
N SER B 311 28.75 1.64 -35.42
CA SER B 311 29.35 0.55 -34.66
C SER B 311 28.89 0.52 -33.21
N ALA B 312 29.07 -0.63 -32.57
CA ALA B 312 28.69 -0.83 -31.17
C ALA B 312 29.49 0.07 -30.23
N LEU B 313 30.78 0.20 -30.50
CA LEU B 313 31.68 1.01 -29.69
C LEU B 313 31.28 2.49 -29.68
N GLU B 314 30.80 2.98 -30.82
CA GLU B 314 30.35 4.36 -30.93
C GLU B 314 29.12 4.66 -30.07
N VAL B 315 28.11 3.82 -30.19
CA VAL B 315 26.82 4.06 -29.53
C VAL B 315 26.87 3.89 -28.02
N VAL B 316 27.74 3.00 -27.54
CA VAL B 316 27.91 2.81 -26.10
C VAL B 316 28.52 4.05 -25.45
N ILE B 317 29.54 4.61 -26.09
CA ILE B 317 30.21 5.78 -25.57
C ILE B 317 29.30 7.01 -25.63
N LEU B 318 28.51 7.09 -26.69
CA LEU B 318 27.49 8.13 -26.80
C LEU B 318 26.49 8.09 -25.65
N LYS B 319 26.07 6.89 -25.32
CA LYS B 319 25.07 6.66 -24.27
C LYS B 319 25.60 7.10 -22.92
N THR B 320 26.92 7.00 -22.74
CA THR B 320 27.57 7.41 -21.50
C THR B 320 27.66 8.93 -21.38
N LEU B 321 27.50 9.64 -22.49
CA LEU B 321 27.44 11.09 -22.44
C LEU B 321 26.25 11.54 -21.61
N HIS B 322 25.21 10.73 -21.63
CA HIS B 322 24.00 10.97 -20.86
C HIS B 322 24.32 11.17 -19.38
N MET B 323 25.44 10.63 -18.94
CA MET B 323 25.79 10.68 -17.54
C MET B 323 26.71 11.86 -17.22
N PHE B 324 27.23 12.50 -18.26
CA PHE B 324 28.02 13.72 -18.06
C PHE B 324 27.07 14.90 -18.07
N GLU B 325 25.92 14.70 -18.71
CA GLU B 325 25.01 15.78 -19.02
C GLU B 325 24.06 16.07 -17.87
N VAL B 326 23.54 15.00 -17.26
CA VAL B 326 22.47 15.14 -16.27
C VAL B 326 22.87 15.98 -15.05
N PRO B 327 24.02 15.69 -14.43
CA PRO B 327 24.50 16.43 -13.26
C PRO B 327 24.46 17.93 -13.45
N PHE B 328 24.94 18.38 -14.61
CA PHE B 328 25.04 19.81 -14.91
C PHE B 328 23.67 20.43 -15.13
N LEU B 329 22.75 19.67 -15.72
CA LEU B 329 21.39 20.16 -15.90
C LEU B 329 20.70 20.32 -14.56
N LEU B 330 20.74 19.27 -13.74
CA LEU B 330 20.02 19.28 -12.47
C LEU B 330 20.57 20.32 -11.50
N VAL B 331 21.85 20.20 -11.15
CA VAL B 331 22.47 21.14 -10.22
C VAL B 331 22.50 22.55 -10.81
N GLY B 332 22.84 22.64 -12.09
CA GLY B 332 22.93 23.92 -12.78
C GLY B 332 21.59 24.63 -12.80
N CYS B 333 20.51 23.86 -12.97
CA CYS B 333 19.17 24.41 -13.06
C CYS B 333 18.76 25.10 -11.76
N PHE B 334 19.09 24.48 -10.62
CA PHE B 334 18.76 25.06 -9.32
C PHE B 334 19.59 26.31 -9.04
N LYS B 335 20.90 26.23 -9.33
CA LYS B 335 21.76 27.40 -9.16
C LYS B 335 21.27 28.56 -10.00
N TYR B 336 20.77 28.27 -11.19
CA TYR B 336 20.17 29.29 -12.04
C TYR B 336 18.87 29.80 -11.41
N ILE B 337 18.00 28.86 -11.03
CA ILE B 337 16.65 29.19 -10.58
C ILE B 337 16.61 30.00 -9.28
N THR B 338 17.45 29.62 -8.33
CA THR B 338 17.54 30.33 -7.05
C THR B 338 18.18 31.69 -7.20
N SER B 339 19.29 31.74 -7.95
CA SER B 339 20.07 32.95 -8.13
C SER B 339 19.37 34.04 -8.95
N GLN B 340 18.71 33.63 -10.04
CA GLN B 340 18.21 34.59 -11.03
C GLN B 340 16.74 34.93 -10.81
N PHE B 341 16.09 34.16 -9.94
CA PHE B 341 14.69 34.38 -9.58
C PHE B 341 14.49 34.56 -8.08
N GLU B 342 13.34 35.08 -7.70
CA GLU B 342 12.98 35.18 -6.29
C GLU B 342 12.99 33.78 -5.71
N VAL B 343 13.60 33.62 -4.54
CA VAL B 343 13.83 32.28 -4.01
C VAL B 343 12.52 31.72 -3.45
N ARG B 344 11.57 32.62 -3.21
CA ARG B 344 10.24 32.23 -2.76
C ARG B 344 9.39 31.68 -3.91
N PHE B 345 10.06 31.27 -4.98
CA PHE B 345 9.40 30.74 -6.17
C PHE B 345 10.28 29.72 -6.87
N SER B 346 11.27 29.20 -6.13
CA SER B 346 12.22 28.27 -6.72
C SER B 346 11.52 26.99 -7.15
N ALA B 347 10.63 26.49 -6.31
CA ALA B 347 9.90 25.27 -6.65
C ALA B 347 8.94 25.50 -7.80
N THR B 348 8.15 26.56 -7.73
CA THR B 348 7.13 26.82 -8.75
C THR B 348 7.72 26.94 -10.16
N ILE B 349 8.77 27.73 -10.31
CA ILE B 349 9.31 27.99 -11.64
C ILE B 349 10.19 26.83 -12.09
N TYR B 350 10.47 25.89 -11.19
CA TYR B 350 11.12 24.65 -11.59
C TYR B 350 10.16 23.69 -12.31
N LEU B 351 9.04 23.32 -11.69
CA LEU B 351 8.16 22.30 -12.28
C LEU B 351 7.11 22.87 -13.22
N VAL B 352 7.16 24.18 -13.46
CA VAL B 352 6.29 24.75 -14.49
C VAL B 352 7.08 24.95 -15.76
N CYS B 353 8.38 25.16 -15.63
CA CYS B 353 9.25 25.30 -16.80
C CYS B 353 9.91 23.98 -17.17
N PHE B 354 10.58 23.36 -16.20
CA PHE B 354 11.39 22.16 -16.46
C PHE B 354 10.59 20.88 -16.35
N CYS B 355 9.30 21.01 -16.12
CA CYS B 355 8.46 19.84 -15.97
C CYS B 355 7.19 19.98 -16.79
N PHE B 356 6.40 21.01 -16.47
CA PHE B 356 5.16 21.23 -17.18
C PHE B 356 5.42 21.58 -18.64
N PHE B 357 6.14 22.68 -18.88
CA PHE B 357 6.40 23.09 -20.26
C PHE B 357 7.31 22.10 -20.97
N LYS B 358 8.13 21.39 -20.21
CA LYS B 358 8.94 20.30 -20.77
C LYS B 358 8.07 19.13 -21.21
N GLN B 359 7.08 18.80 -20.40
CA GLN B 359 6.17 17.69 -20.68
C GLN B 359 5.17 18.09 -21.75
N LEU B 360 4.75 19.35 -21.70
CA LEU B 360 3.73 19.86 -22.60
C LEU B 360 4.25 19.92 -24.04
N ALA B 361 5.52 20.27 -24.20
CA ALA B 361 6.12 20.35 -25.53
C ALA B 361 6.53 18.97 -26.02
N MET B 362 6.61 18.02 -25.10
CA MET B 362 7.13 16.69 -25.40
C MET B 362 6.01 15.78 -25.88
N ILE B 363 4.81 16.34 -25.88
CA ILE B 363 3.63 15.69 -26.43
C ILE B 363 3.73 15.70 -27.94
N PHE B 364 4.17 16.85 -28.45
CA PHE B 364 4.19 17.12 -29.88
C PHE B 364 5.47 16.61 -30.53
N MET B 365 6.57 16.65 -29.80
CA MET B 365 7.85 16.24 -30.35
C MET B 365 7.91 14.74 -30.56
N SER B 366 7.06 14.00 -29.87
CA SER B 366 6.97 12.56 -30.07
C SER B 366 6.05 12.22 -31.24
N VAL B 367 4.98 13.00 -31.38
CA VAL B 367 4.03 12.81 -32.45
C VAL B 367 4.68 12.98 -33.82
N LEU B 368 5.48 14.04 -33.96
CA LEU B 368 6.11 14.33 -35.24
C LEU B 368 7.57 13.90 -35.31
N ALA B 369 8.05 13.20 -34.29
CA ALA B 369 9.32 12.49 -34.39
C ALA B 369 9.05 11.04 -34.78
N GLY B 370 7.81 10.61 -34.58
CA GLY B 370 7.36 9.32 -35.08
C GLY B 370 7.00 9.45 -36.54
N ASN B 371 6.52 10.64 -36.89
CA ASN B 371 6.35 11.04 -38.28
C ASN B 371 7.69 11.47 -38.85
N MET B 372 8.76 11.08 -38.19
CA MET B 372 10.10 11.37 -38.70
C MET B 372 11.02 10.16 -38.56
N TYR B 373 10.72 9.27 -37.61
CA TYR B 373 11.36 7.96 -37.56
C TYR B 373 10.98 7.12 -38.79
N GLU B 374 9.69 7.11 -39.10
CA GLU B 374 9.18 6.40 -40.25
C GLU B 374 9.43 7.19 -41.53
N SER B 375 9.04 8.46 -41.52
CA SER B 375 9.02 9.28 -42.72
C SER B 375 10.39 9.56 -43.34
N ILE B 376 11.44 9.49 -42.54
CA ILE B 376 12.78 9.77 -43.05
C ILE B 376 13.85 8.99 -42.28
N GLY B 377 13.42 7.93 -41.60
CA GLY B 377 14.33 7.02 -40.94
C GLY B 377 14.94 7.58 -39.66
N PHE B 378 15.55 6.68 -38.89
CA PHE B 378 16.07 7.02 -37.57
C PHE B 378 17.31 7.90 -37.62
N GLN B 379 18.27 7.54 -38.46
CA GLN B 379 19.53 8.28 -38.55
C GLN B 379 19.28 9.64 -39.18
N GLY B 380 18.19 9.75 -39.93
CA GLY B 380 17.81 11.01 -40.54
C GLY B 380 16.86 11.81 -39.66
N ALA B 381 16.23 11.13 -38.72
CA ALA B 381 15.35 11.77 -37.75
C ALA B 381 16.16 12.45 -36.65
N TYR B 382 17.24 11.81 -36.22
CA TYR B 382 18.12 12.38 -35.21
C TYR B 382 18.87 13.61 -35.69
N LEU B 383 18.93 13.81 -37.00
CA LEU B 383 19.62 14.96 -37.56
C LEU B 383 18.83 16.26 -37.34
N VAL B 384 17.52 16.18 -37.54
CA VAL B 384 16.65 17.32 -37.30
C VAL B 384 16.61 17.67 -35.82
N LEU B 385 16.50 16.64 -34.98
CA LEU B 385 16.42 16.83 -33.53
C LEU B 385 17.69 17.45 -32.95
N GLY B 386 18.84 16.93 -33.36
CA GLY B 386 20.12 17.39 -32.82
C GLY B 386 20.38 18.85 -33.14
N LEU B 387 19.85 19.30 -34.27
CA LEU B 387 20.05 20.67 -34.72
C LEU B 387 18.98 21.56 -34.11
N VAL B 388 18.04 20.93 -33.42
CA VAL B 388 17.09 21.65 -32.60
C VAL B 388 17.68 21.84 -31.22
N ALA B 389 18.47 20.86 -30.79
CA ALA B 389 19.15 20.94 -29.51
C ALA B 389 20.27 21.98 -29.53
N LEU B 390 21.16 21.88 -30.51
CA LEU B 390 22.20 22.88 -30.72
C LEU B 390 21.60 24.22 -31.15
N GLY B 391 20.53 24.14 -31.94
CA GLY B 391 19.82 25.32 -32.38
C GLY B 391 19.46 26.21 -31.21
N PHE B 392 18.77 25.64 -30.23
CA PHE B 392 18.30 26.40 -29.09
C PHE B 392 19.33 26.52 -27.98
N THR B 393 20.36 25.69 -28.02
CA THR B 393 21.47 25.82 -27.08
C THR B 393 22.23 27.09 -27.39
N LEU B 394 22.54 27.29 -28.67
CA LEU B 394 23.27 28.46 -29.10
C LEU B 394 22.43 29.72 -28.95
N ILE B 395 21.14 29.61 -29.25
CA ILE B 395 20.24 30.74 -29.11
C ILE B 395 20.19 31.18 -27.65
N SER B 396 20.32 30.22 -26.76
CA SER B 396 20.13 30.45 -25.33
C SER B 396 21.40 30.90 -24.61
N VAL B 397 22.43 31.22 -25.38
CA VAL B 397 23.59 31.92 -24.82
C VAL B 397 23.24 33.39 -24.69
N PHE B 398 22.15 33.78 -25.35
CA PHE B 398 21.76 35.18 -25.44
C PHE B 398 20.46 35.42 -24.66
N THR B 399 19.57 34.44 -24.68
CA THR B 399 18.26 34.60 -24.03
C THR B 399 18.35 34.34 -22.53
N LEU B 400 19.15 33.35 -22.14
CA LEU B 400 19.38 33.09 -20.72
C LEU B 400 20.26 34.20 -20.13
N SER B 401 19.83 34.79 -19.02
CA SER B 401 20.55 35.89 -18.39
C SER B 401 21.65 35.42 -17.44
N GLY B 402 22.73 36.19 -17.38
CA GLY B 402 23.88 35.86 -16.55
C GLY B 402 25.18 36.05 -17.30
N PRO B 403 26.28 35.49 -16.77
CA PRO B 403 27.58 35.58 -17.44
C PRO B 403 27.84 34.36 -18.34
N GLY B 404 28.00 34.61 -19.63
CA GLY B 404 28.17 33.53 -20.59
C GLY B 404 29.57 32.93 -20.56
N PRO B 405 29.88 32.07 -21.53
CA PRO B 405 31.18 31.41 -21.51
C PRO B 405 32.30 32.31 -22.04
N LEU B 406 31.90 33.46 -22.58
CA LEU B 406 32.85 34.51 -22.95
C LEU B 406 33.47 35.10 -21.70
N SER B 407 32.71 35.01 -20.60
CA SER B 407 33.11 35.52 -19.30
C SER B 407 34.14 34.60 -18.65
N LEU B 408 33.92 33.30 -18.81
CA LEU B 408 34.78 32.26 -18.26
C LEU B 408 35.99 32.02 -19.17
C6 9PG C . -7.28 -12.61 18.35
C5 9PG C . -8.70 -12.09 18.46
C4 9PG C . -9.04 -11.84 19.94
C3 9PG C . -10.51 -11.43 20.09
C2 9PG C . -11.38 -12.47 19.38
C1 9PG C . -10.92 -12.55 17.94
O8 9PG C . -13.55 -10.41 11.73
N 9PG C . -13.66 -11.33 12.45
O7 9PG C . -14.32 -12.25 12.15
C9 9PG C . -12.96 -11.32 13.73
C14 9PG C . -13.13 -12.37 14.62
C13 9PG C . -12.46 -12.35 15.83
C12 9PG C . -11.63 -11.29 16.16
C11 9PG C . -11.47 -10.24 15.27
C10 9PG C . -12.13 -10.26 14.04
O1 9PG C . -10.97 -11.26 17.38
O2 9PG C . -12.73 -12.11 19.45
O3 9PG C . -10.84 -11.38 21.45
O4 9PG C . -8.81 -13.00 20.66
O5 9PG C . -9.60 -13.01 17.91
O6 9PG C . -7.23 -13.98 18.64
C1 BNG D . 2.21 14.00 9.95
C2 BNG D . 2.80 14.83 11.09
C3 BNG D . 4.08 14.17 11.63
C4 BNG D . 3.88 12.68 11.90
C5 BNG D . 3.18 11.98 10.74
C6 BNG D . 2.84 10.53 11.06
C1' BNG D . 0.51 14.02 8.27
C2' BNG D . -0.71 14.82 7.79
C3' BNG D . -1.29 14.19 6.52
C4' BNG D . -2.59 14.86 6.09
C5' BNG D . -3.22 14.04 4.97
C6' BNG D . -4.38 14.76 4.29
C7' BNG D . -4.85 13.94 3.08
C8' BNG D . -5.94 14.66 2.30
C9' BNG D . -6.29 13.92 1.02
O1 BNG D . 0.99 14.58 9.50
O2 BNG D . 3.13 16.14 10.63
O3 BNG D . 4.45 14.83 12.84
O4 BNG D . 5.17 12.10 12.15
O5 BNG D . 1.97 12.67 10.43
O6 BNG D . 1.94 10.01 10.06
H1 BNG D . 2.94 13.96 9.12
H2 BNG D . 2.07 14.88 11.90
H3 BNG D . 4.87 14.29 10.88
H4 BNG D . 3.25 12.58 12.81
H5 BNG D . 3.84 12.00 9.87
H61 BNG D . 2.37 10.45 12.04
H62 BNG D . 3.76 9.92 11.08
H1'1 BNG D . 0.22 12.98 8.44
H1'2 BNG D . 1.28 14.04 7.52
H2'1 BNG D . -0.40 15.85 7.59
H2'2 BNG D . -1.47 14.84 8.57
H3'1 BNG D . -1.47 13.13 6.71
H3'2 BNG D . -0.56 14.27 5.72
H4'1 BNG D . -2.39 15.87 5.74
H4'2 BNG D . -3.28 14.91 6.93
H5'1 BNG D . -3.57 13.09 5.36
H5'2 BNG D . -2.45 13.83 4.22
H6'1 BNG D . -4.08 15.75 3.96
H6'2 BNG D . -5.21 14.86 4.99
H7'1 BNG D . -5.21 12.97 3.42
H7'2 BNG D . -3.99 13.76 2.42
H8'1 BNG D . -5.61 15.67 2.06
H8'2 BNG D . -6.83 14.74 2.93
H9'1 BNG D . -7.05 14.45 0.50
H9'2 BNG D . -6.63 12.95 1.27
H9'3 BNG D . -5.43 13.86 0.41
HO2 BNG D . 2.33 16.57 10.28
HO3 BNG D . 4.58 15.77 12.68
HO4 BNG D . 5.07 11.17 12.37
HO6 BNG D . 1.73 9.09 10.25
C6 9PG E . 18.38 9.14 -10.86
C5 9PG E . 18.09 9.32 -12.35
C4 9PG E . 19.37 9.10 -13.16
C3 9PG E . 19.07 9.30 -14.64
C2 9PG E . 18.42 10.66 -14.84
C1 9PG E . 17.21 10.77 -13.93
O8 9PG E . 10.17 10.86 -13.61
N 9PG E . 11.05 11.63 -13.70
O7 9PG E . 10.84 12.78 -13.69
C9 9PG E . 12.42 11.16 -13.83
C14 9PG E . 13.47 11.88 -13.28
C13 9PG E . 14.76 11.41 -13.41
C12 9PG E . 15.01 10.22 -14.08
C11 9PG E . 13.95 9.51 -14.63
C10 9PG E . 12.66 9.98 -14.50
O1 9PG E . 16.30 9.74 -14.22
O2 9PG E . 18.03 10.79 -16.18
O3 9PG E . 20.27 9.28 -15.38
O4 9PG E . 20.35 10.03 -12.77
O5 9PG E . 17.62 10.61 -12.60
O6 9PG E . 19.54 9.83 -10.49
C1 BNG F . 5.57 -13.42 -5.17
C2 BNG F . 4.58 -12.70 -6.08
C3 BNG F . 3.40 -13.61 -6.35
C4 BNG F . 3.87 -14.94 -6.91
C5 BNG F . 4.93 -15.53 -5.98
C6 BNG F . 5.48 -16.82 -6.58
C1' BNG F . 7.55 -13.24 -3.90
C2' BNG F . 7.32 -12.63 -2.52
C3' BNG F . 8.06 -11.30 -2.40
C4' BNG F . 7.97 -10.69 -1.01
C5' BNG F . 9.04 -9.62 -0.86
C6' BNG F . 9.00 -8.97 0.52
C7' BNG F . 10.03 -7.85 0.63
C8' BNG F . 9.91 -7.19 2.00
C9' BNG F . 10.88 -6.03 2.15
O1 BNG F . 6.72 -12.61 -4.88
O2 BNG F . 4.13 -11.48 -5.47
O3 BNG F . 2.50 -13.00 -7.29
O4 BNG F . 2.76 -15.84 -7.00
O5 BNG F . 6.01 -14.61 -5.83
O6 BNG F . 6.04 -16.52 -7.87
#